data_1V6U
#
_entry.id   1V6U
#
_cell.length_a   75.290
_cell.length_b   94.230
_cell.length_c   137.690
_cell.angle_alpha   90.00
_cell.angle_beta   90.00
_cell.angle_gamma   90.00
#
_symmetry.space_group_name_H-M   'P 21 21 21'
#
loop_
_entity.id
_entity.type
_entity.pdbx_description
1 polymer endo-1,4-beta-D-xylanase
2 branched beta-D-xylopyranose-(1-4)-beta-D-xylopyranose
3 branched alpha-L-arabinofuranose-(1-3)-beta-D-xylopyranose-(1-4)-beta-D-xylopyranose
4 non-polymer beta-D-xylopyranose
5 non-polymer alpha-D-xylopyranose
6 water water
#
_entity_poly.entity_id   1
_entity_poly.type   'polypeptide(L)'
_entity_poly.pdbx_seq_one_letter_code
;AESTLGAAAAQSGRYFGTAIASGKLGDSAYTTIASREFNMVTAENEMKIDATEPQRGQFNFSAGDRVYNWAVQNGKQVRG
HTLAWHSQQPGWMQSLSGSTLRQAMIDHINGVMGHYKGKIAQWDVVNEAFSDDGSGGRRDSNLQRTGNDWIEVAFRTARA
ADPAAKLCYNDYNIENWTWAKTQGVYNMVRDFKQRGVPIDCVGFQSHFNSGSPYNSNFRTTLQNFAALGVDVAITELDIQ
GASSSTYAAVTNDCLAVSRCLGITVWGVRDTDSWRSGDTPLLFNGDGSKKAAYTAVLNALNGGSSTPPPSGGGQIKGVGS
GRCLDVPNASTTDGTQVQLYDCHSATNQQWTYTDAGELRVYGDKCLDAAGTGNGTKVQIYSCWGGDNQKWRLNSDGSIVG
VQSGLCLDAVGGGTANGTLIQLYSCSNGSNQRWTRT
;
_entity_poly.pdbx_strand_id   A,B
#
loop_
_chem_comp.id
_chem_comp.type
_chem_comp.name
_chem_comp.formula
AHR L-saccharide, alpha linking alpha-L-arabinofuranose 'C5 H10 O5'
XYP D-saccharide, beta linking beta-D-xylopyranose 'C5 H10 O5'
XYS D-saccharide, alpha linking alpha-D-xylopyranose 'C5 H10 O5'
#
# COMPACT_ATOMS: atom_id res chain seq x y z
N ALA A 1 10.71 30.09 8.08
CA ALA A 1 10.76 29.31 9.35
C ALA A 1 11.48 27.99 9.16
N GLU A 2 10.81 26.90 9.51
CA GLU A 2 11.37 25.57 9.38
C GLU A 2 10.33 24.48 9.59
N SER A 3 9.05 24.85 9.58
CA SER A 3 7.97 23.88 9.75
C SER A 3 7.27 23.47 8.45
N THR A 4 7.64 24.12 7.34
CA THR A 4 7.08 23.80 6.03
C THR A 4 8.25 23.63 5.05
N LEU A 5 8.04 22.89 3.96
CA LEU A 5 9.10 22.66 2.98
C LEU A 5 9.65 23.95 2.36
N GLY A 6 8.75 24.81 1.89
CA GLY A 6 9.17 26.05 1.27
C GLY A 6 10.02 26.91 2.19
N ALA A 7 9.53 27.13 3.41
CA ALA A 7 10.25 27.93 4.38
C ALA A 7 11.59 27.30 4.74
N ALA A 8 11.62 25.97 4.86
CA ALA A 8 12.85 25.26 5.19
C ALA A 8 13.89 25.44 4.07
N ALA A 9 13.44 25.32 2.83
CA ALA A 9 14.33 25.47 1.69
C ALA A 9 14.86 26.90 1.60
N ALA A 10 13.99 27.86 1.90
CA ALA A 10 14.37 29.28 1.83
C ALA A 10 15.53 29.61 2.76
N GLN A 11 15.67 28.85 3.86
CA GLN A 11 16.76 29.07 4.81
C GLN A 11 18.11 29.02 4.09
N SER A 12 18.20 28.25 3.01
CA SER A 12 19.46 28.15 2.28
C SER A 12 19.38 28.86 0.93
N GLY A 13 18.39 29.75 0.79
CA GLY A 13 18.24 30.49 -0.44
C GLY A 13 17.59 29.69 -1.55
N ARG A 14 16.98 28.56 -1.20
CA ARG A 14 16.34 27.71 -2.17
C ARG A 14 14.81 27.74 -2.04
N TYR A 15 14.14 27.05 -2.96
CA TYR A 15 12.70 26.95 -2.96
C TYR A 15 12.32 25.48 -3.03
N PHE A 16 11.10 25.18 -2.59
CA PHE A 16 10.59 23.82 -2.71
C PHE A 16 9.22 24.02 -3.33
N GLY A 17 9.02 23.45 -4.51
CA GLY A 17 7.75 23.65 -5.17
C GLY A 17 6.98 22.41 -5.54
N THR A 18 5.89 22.61 -6.29
CA THR A 18 5.06 21.52 -6.73
C THR A 18 4.46 21.84 -8.09
N ALA A 19 3.73 20.88 -8.63
CA ALA A 19 3.04 21.05 -9.90
C ALA A 19 1.57 21.26 -9.55
N ILE A 20 1.03 22.40 -9.94
CA ILE A 20 -0.38 22.69 -9.64
C ILE A 20 -1.29 22.33 -10.82
N ALA A 21 -2.43 21.71 -10.49
CA ALA A 21 -3.42 21.36 -11.50
C ALA A 21 -4.57 22.32 -11.28
N SER A 22 -4.89 23.12 -12.29
CA SER A 22 -5.95 24.12 -12.18
C SER A 22 -7.32 23.60 -11.72
N GLY A 23 -7.67 22.38 -12.12
CA GLY A 23 -8.95 21.83 -11.73
C GLY A 23 -9.08 21.56 -10.24
N LYS A 24 -7.95 21.52 -9.54
CA LYS A 24 -7.94 21.25 -8.10
C LYS A 24 -7.94 22.51 -7.22
N LEU A 25 -7.65 23.66 -7.81
CA LEU A 25 -7.63 24.89 -7.02
C LEU A 25 -8.97 25.19 -6.34
N GLY A 26 -10.01 24.45 -6.73
CA GLY A 26 -11.31 24.63 -6.10
C GLY A 26 -11.45 23.72 -4.89
N ASP A 27 -10.49 22.82 -4.72
CA ASP A 27 -10.49 21.85 -3.62
C ASP A 27 -9.73 22.42 -2.42
N SER A 28 -10.44 22.72 -1.34
CA SER A 28 -9.82 23.28 -0.14
C SER A 28 -8.74 22.39 0.47
N ALA A 29 -8.98 21.08 0.52
CA ALA A 29 -7.99 20.17 1.08
C ALA A 29 -6.72 20.27 0.25
N TYR A 30 -6.89 20.37 -1.06
CA TYR A 30 -5.76 20.47 -1.97
C TYR A 30 -5.03 21.79 -1.78
N THR A 31 -5.76 22.91 -1.81
CA THR A 31 -5.13 24.21 -1.67
C THR A 31 -4.58 24.50 -0.27
N THR A 32 -5.17 23.88 0.76
CA THR A 32 -4.66 24.10 2.11
C THR A 32 -3.23 23.59 2.21
N ILE A 33 -2.97 22.43 1.60
CA ILE A 33 -1.62 21.86 1.61
C ILE A 33 -0.67 22.66 0.70
N ALA A 34 -1.10 22.87 -0.53
CA ALA A 34 -0.29 23.58 -1.51
C ALA A 34 0.15 24.98 -1.10
N SER A 35 -0.80 25.83 -0.72
CA SER A 35 -0.48 27.21 -0.33
C SER A 35 0.48 27.29 0.84
N ARG A 36 0.43 26.28 1.70
CA ARG A 36 1.26 26.22 2.90
C ARG A 36 2.69 25.70 2.71
N GLU A 37 2.82 24.55 2.04
CA GLU A 37 4.11 23.90 1.86
C GLU A 37 5.08 24.34 0.77
N PHE A 38 4.56 24.91 -0.32
CA PHE A 38 5.41 25.27 -1.44
C PHE A 38 5.54 26.75 -1.77
N ASN A 39 6.73 27.17 -2.20
CA ASN A 39 6.96 28.56 -2.58
C ASN A 39 7.39 28.68 -4.04
N MET A 40 7.09 27.64 -4.81
CA MET A 40 7.40 27.62 -6.23
C MET A 40 6.30 26.76 -6.87
N VAL A 41 5.81 27.22 -8.02
CA VAL A 41 4.74 26.54 -8.74
C VAL A 41 5.02 26.31 -10.22
N THR A 42 4.62 25.14 -10.71
CA THR A 42 4.74 24.80 -12.13
C THR A 42 3.35 24.33 -12.55
N ALA A 43 2.78 24.95 -13.57
CA ALA A 43 1.46 24.54 -14.05
C ALA A 43 1.67 23.16 -14.66
N GLU A 44 0.96 22.16 -14.14
CA GLU A 44 1.12 20.79 -14.62
C GLU A 44 0.83 20.59 -16.10
N ASN A 45 -0.09 21.39 -16.66
CA ASN A 45 -0.44 21.26 -18.08
C ASN A 45 -0.83 22.60 -18.72
N GLU A 46 -1.43 23.48 -17.92
CA GLU A 46 -1.92 24.76 -18.40
C GLU A 46 -1.00 25.68 -19.20
N MET A 47 0.32 25.49 -19.11
CA MET A 47 1.22 26.37 -19.86
C MET A 47 1.97 25.67 -20.99
N LYS A 48 1.51 24.49 -21.36
CA LYS A 48 2.13 23.73 -22.44
C LYS A 48 1.67 24.25 -23.81
N ILE A 49 2.34 23.80 -24.86
CA ILE A 49 2.05 24.22 -26.22
C ILE A 49 0.58 24.12 -26.68
N ASP A 50 0.00 22.94 -26.56
CA ASP A 50 -1.39 22.75 -26.97
C ASP A 50 -2.38 23.59 -26.15
N ALA A 51 -2.04 23.85 -24.90
CA ALA A 51 -2.92 24.63 -24.04
C ALA A 51 -2.83 26.14 -24.23
N THR A 52 -1.66 26.64 -24.62
CA THR A 52 -1.50 28.08 -24.79
C THR A 52 -1.65 28.58 -26.23
N GLU A 53 -1.75 27.66 -27.18
CA GLU A 53 -1.91 28.03 -28.59
C GLU A 53 -2.69 26.93 -29.32
N PRO A 54 -3.99 26.81 -29.02
CA PRO A 54 -4.92 25.83 -29.59
C PRO A 54 -4.98 25.89 -31.12
N GLN A 55 -4.73 27.09 -31.65
CA GLN A 55 -4.73 27.31 -33.08
C GLN A 55 -3.54 28.21 -33.36
N ARG A 56 -2.82 27.94 -34.43
CA ARG A 56 -1.66 28.76 -34.75
C ARG A 56 -2.08 30.23 -34.80
N GLY A 57 -1.35 31.07 -34.07
CA GLY A 57 -1.66 32.48 -34.06
C GLY A 57 -2.61 32.90 -32.96
N GLN A 58 -3.53 32.01 -32.58
CA GLN A 58 -4.48 32.32 -31.52
C GLN A 58 -4.06 31.71 -30.18
N PHE A 59 -3.62 32.56 -29.27
CA PHE A 59 -3.16 32.13 -27.96
C PHE A 59 -4.26 32.19 -26.89
N ASN A 60 -4.22 31.24 -25.98
CA ASN A 60 -5.18 31.17 -24.89
C ASN A 60 -4.40 31.06 -23.59
N PHE A 61 -4.52 32.04 -22.72
CA PHE A 61 -3.79 32.06 -21.46
C PHE A 61 -4.71 31.99 -20.23
N SER A 62 -5.98 31.71 -20.44
CA SER A 62 -6.94 31.65 -19.34
C SER A 62 -6.54 30.67 -18.23
N ALA A 63 -6.44 29.40 -18.57
CA ALA A 63 -6.06 28.38 -17.59
C ALA A 63 -4.70 28.67 -16.97
N GLY A 64 -3.75 29.07 -17.80
CA GLY A 64 -2.41 29.38 -17.32
C GLY A 64 -2.36 30.52 -16.33
N ASP A 65 -3.02 31.63 -16.64
CA ASP A 65 -3.01 32.79 -15.74
C ASP A 65 -3.67 32.41 -14.42
N ARG A 66 -4.63 31.49 -14.51
CA ARG A 66 -5.34 31.01 -13.33
C ARG A 66 -4.29 30.46 -12.35
N VAL A 67 -3.42 29.60 -12.86
CA VAL A 67 -2.35 29.00 -12.06
C VAL A 67 -1.34 30.05 -11.67
N TYR A 68 -0.94 30.87 -12.64
CA TYR A 68 0.04 31.92 -12.38
C TYR A 68 -0.44 32.84 -11.26
N ASN A 69 -1.67 33.35 -11.38
CA ASN A 69 -2.23 34.25 -10.38
C ASN A 69 -2.29 33.61 -8.99
N TRP A 70 -2.84 32.41 -8.90
CA TRP A 70 -2.91 31.74 -7.60
C TRP A 70 -1.50 31.70 -7.00
N ALA A 71 -0.53 31.31 -7.80
CA ALA A 71 0.86 31.20 -7.33
C ALA A 71 1.39 32.50 -6.74
N VAL A 72 1.40 33.57 -7.54
CA VAL A 72 1.91 34.85 -7.06
C VAL A 72 1.13 35.38 -5.86
N GLN A 73 -0.19 35.24 -5.91
CA GLN A 73 -1.05 35.69 -4.81
C GLN A 73 -0.77 34.94 -3.52
N ASN A 74 -0.32 33.70 -3.64
CA ASN A 74 -0.03 32.90 -2.45
C ASN A 74 1.45 32.82 -2.13
N GLY A 75 2.22 33.75 -2.68
CA GLY A 75 3.65 33.79 -2.40
C GLY A 75 4.54 32.78 -3.08
N LYS A 76 4.23 32.40 -4.31
CA LYS A 76 5.08 31.45 -5.01
C LYS A 76 5.52 31.97 -6.38
N GLN A 77 6.79 31.70 -6.72
CA GLN A 77 7.34 32.07 -8.01
C GLN A 77 6.83 30.98 -8.97
N VAL A 78 7.10 31.15 -10.25
CA VAL A 78 6.62 30.19 -11.23
C VAL A 78 7.65 29.71 -12.25
N ARG A 79 7.61 28.41 -12.54
CA ARG A 79 8.48 27.80 -13.54
C ARG A 79 7.57 27.61 -14.75
N GLY A 80 7.93 28.22 -15.87
CA GLY A 80 7.12 28.08 -17.07
C GLY A 80 7.39 26.73 -17.72
N HIS A 81 6.33 25.99 -18.00
CA HIS A 81 6.45 24.65 -18.58
C HIS A 81 5.39 24.38 -19.65
N THR A 82 5.76 24.26 -20.92
CA THR A 82 7.12 24.37 -21.48
C THR A 82 6.91 24.90 -22.90
N LEU A 83 7.93 25.55 -23.47
CA LEU A 83 7.82 26.18 -24.80
C LEU A 83 8.05 25.37 -26.07
N ALA A 84 9.12 24.59 -26.14
CA ALA A 84 9.40 23.77 -27.32
C ALA A 84 9.49 22.30 -26.88
N TRP A 85 8.54 21.50 -27.35
CA TRP A 85 8.49 20.10 -26.96
C TRP A 85 7.87 19.24 -28.05
N HIS A 86 8.31 17.99 -28.16
CA HIS A 86 7.78 17.10 -29.18
C HIS A 86 6.43 16.52 -28.78
N SER A 87 6.13 16.55 -27.48
CA SER A 87 4.86 16.03 -26.99
C SER A 87 3.83 17.12 -26.71
N GLN A 88 2.61 16.68 -26.46
CA GLN A 88 1.50 17.59 -26.19
C GLN A 88 1.54 18.83 -27.08
N GLN A 89 1.78 18.59 -28.37
CA GLN A 89 1.79 19.66 -29.36
C GLN A 89 0.36 19.68 -29.88
N PRO A 90 -0.19 20.88 -30.13
CA PRO A 90 -1.56 20.88 -30.64
C PRO A 90 -1.54 20.20 -32.00
N GLY A 91 -2.67 19.60 -32.39
CA GLY A 91 -2.75 18.90 -33.67
C GLY A 91 -2.16 19.65 -34.86
N TRP A 92 -2.42 20.95 -34.95
CA TRP A 92 -1.92 21.73 -36.07
C TRP A 92 -0.40 21.81 -36.13
N MET A 93 0.25 21.70 -34.97
CA MET A 93 1.71 21.77 -34.94
C MET A 93 2.29 20.40 -35.27
N GLN A 94 1.53 19.35 -34.98
CA GLN A 94 1.96 17.99 -35.25
C GLN A 94 2.04 17.67 -36.73
N SER A 95 1.53 18.56 -37.56
CA SER A 95 1.53 18.36 -39.00
C SER A 95 2.48 19.32 -39.71
N LEU A 96 3.18 20.13 -38.93
CA LEU A 96 4.13 21.10 -39.49
C LEU A 96 5.56 20.57 -39.50
N SER A 97 6.27 20.84 -40.59
CA SER A 97 7.65 20.39 -40.75
C SER A 97 8.50 21.49 -41.38
N GLY A 98 9.72 21.14 -41.75
CA GLY A 98 10.60 22.11 -42.39
C GLY A 98 10.64 23.49 -41.76
N SER A 99 11.03 24.47 -42.57
CA SER A 99 11.15 25.86 -42.14
C SER A 99 9.89 26.49 -41.59
N THR A 100 8.73 25.89 -41.87
CA THR A 100 7.49 26.45 -41.35
C THR A 100 7.35 26.14 -39.87
N LEU A 101 7.69 24.91 -39.47
CA LEU A 101 7.62 24.52 -38.07
C LEU A 101 8.60 25.38 -37.28
N ARG A 102 9.85 25.44 -37.74
CA ARG A 102 10.87 26.24 -37.08
C ARG A 102 10.31 27.63 -36.81
N GLN A 103 9.56 28.16 -37.76
CA GLN A 103 8.96 29.47 -37.63
C GLN A 103 7.82 29.45 -36.61
N ALA A 104 7.02 28.38 -36.65
CA ALA A 104 5.90 28.21 -35.74
C ALA A 104 6.44 28.15 -34.30
N MET A 105 7.52 27.41 -34.12
CA MET A 105 8.15 27.25 -32.81
C MET A 105 8.59 28.61 -32.26
N ILE A 106 9.25 29.40 -33.12
CA ILE A 106 9.73 30.71 -32.72
C ILE A 106 8.56 31.63 -32.33
N ASP A 107 7.50 31.59 -33.11
CA ASP A 107 6.34 32.42 -32.81
C ASP A 107 5.78 32.03 -31.44
N HIS A 108 5.52 30.74 -31.27
CA HIS A 108 4.99 30.24 -30.01
C HIS A 108 5.79 30.76 -28.83
N ILE A 109 7.11 30.64 -28.91
CA ILE A 109 7.98 31.11 -27.84
C ILE A 109 7.74 32.59 -27.55
N ASN A 110 7.80 33.41 -28.60
CA ASN A 110 7.59 34.85 -28.44
C ASN A 110 6.22 35.15 -27.84
N GLY A 111 5.21 34.42 -28.30
CA GLY A 111 3.86 34.64 -27.80
C GLY A 111 3.69 34.35 -26.32
N VAL A 112 4.02 33.13 -25.90
CA VAL A 112 3.86 32.76 -24.50
C VAL A 112 4.77 33.58 -23.60
N MET A 113 6.04 33.71 -23.96
CA MET A 113 6.96 34.50 -23.13
C MET A 113 6.61 35.98 -23.14
N GLY A 114 6.05 36.45 -24.24
CA GLY A 114 5.66 37.85 -24.30
C GLY A 114 4.57 38.07 -23.26
N HIS A 115 3.56 37.22 -23.30
CA HIS A 115 2.43 37.30 -22.37
C HIS A 115 2.87 37.32 -20.91
N TYR A 116 3.77 36.42 -20.54
CA TYR A 116 4.28 36.32 -19.18
C TYR A 116 5.62 37.03 -18.95
N LYS A 117 6.01 37.87 -19.91
CA LYS A 117 7.27 38.60 -19.84
C LYS A 117 7.54 39.24 -18.48
N GLY A 118 8.66 38.85 -17.87
CA GLY A 118 9.03 39.41 -16.58
C GLY A 118 8.31 38.80 -15.40
N LYS A 119 7.43 37.83 -15.64
CA LYS A 119 6.67 37.20 -14.55
C LYS A 119 7.13 35.77 -14.22
N ILE A 120 7.96 35.21 -15.09
CA ILE A 120 8.45 33.83 -14.91
C ILE A 120 9.89 33.72 -14.44
N ALA A 121 10.10 33.03 -13.32
CA ALA A 121 11.45 32.86 -12.75
C ALA A 121 12.28 31.93 -13.62
N GLN A 122 11.67 30.85 -14.07
CA GLN A 122 12.36 29.88 -14.91
C GLN A 122 11.45 29.38 -16.02
N TRP A 123 12.02 29.24 -17.22
CA TRP A 123 11.26 28.72 -18.34
C TRP A 123 11.91 27.45 -18.87
N ASP A 124 11.11 26.39 -19.00
CA ASP A 124 11.63 25.15 -19.56
C ASP A 124 11.46 25.45 -21.05
N VAL A 125 12.48 26.08 -21.64
CA VAL A 125 12.43 26.45 -23.06
C VAL A 125 12.27 25.24 -23.97
N VAL A 126 13.10 24.22 -23.76
CA VAL A 126 13.06 23.00 -24.56
C VAL A 126 12.99 21.81 -23.63
N ASN A 127 12.09 20.87 -23.94
CA ASN A 127 11.90 19.70 -23.09
C ASN A 127 12.06 18.37 -23.83
N GLU A 128 12.89 17.48 -23.28
CA GLU A 128 13.10 16.14 -23.85
C GLU A 128 13.56 16.05 -25.31
N ALA A 129 14.68 16.68 -25.63
CA ALA A 129 15.19 16.66 -27.00
C ALA A 129 16.19 15.53 -27.29
N PHE A 130 16.42 14.67 -26.30
CA PHE A 130 17.35 13.56 -26.48
C PHE A 130 16.64 12.22 -26.35
N SER A 131 17.13 11.22 -27.07
CA SER A 131 16.51 9.89 -27.06
C SER A 131 16.97 8.95 -25.95
N ASP A 132 16.23 7.86 -25.82
CA ASP A 132 16.55 6.82 -24.83
C ASP A 132 17.12 5.60 -25.54
N ASP A 133 17.60 5.79 -26.77
CA ASP A 133 18.16 4.69 -27.55
C ASP A 133 19.52 4.20 -27.03
N GLY A 134 20.09 4.93 -26.08
CA GLY A 134 21.38 4.57 -25.53
C GLY A 134 22.57 5.05 -26.34
N SER A 135 22.31 5.90 -27.33
CA SER A 135 23.37 6.44 -28.17
C SER A 135 23.76 7.86 -27.77
N GLY A 136 22.89 8.52 -27.01
CA GLY A 136 23.17 9.87 -26.58
C GLY A 136 22.89 10.91 -27.67
N GLY A 137 22.04 10.53 -28.62
CA GLY A 137 21.72 11.45 -29.71
C GLY A 137 20.36 12.09 -29.56
N ARG A 138 20.06 13.04 -30.46
CA ARG A 138 18.79 13.74 -30.44
C ARG A 138 17.62 12.80 -30.72
N ARG A 139 16.50 13.07 -30.06
CA ARG A 139 15.29 12.28 -30.24
C ARG A 139 14.80 12.63 -31.64
N ASP A 140 14.18 11.68 -32.34
CA ASP A 140 13.69 11.92 -33.70
C ASP A 140 12.30 12.54 -33.68
N SER A 141 12.22 13.85 -33.89
CA SER A 141 10.94 14.54 -33.89
C SER A 141 10.85 15.61 -34.98
N ASN A 142 9.63 16.06 -35.27
CA ASN A 142 9.41 17.08 -36.29
C ASN A 142 10.28 18.30 -36.00
N LEU A 143 10.48 18.59 -34.72
CA LEU A 143 11.30 19.72 -34.32
C LEU A 143 12.78 19.45 -34.64
N GLN A 144 13.24 18.26 -34.31
CA GLN A 144 14.63 17.89 -34.56
C GLN A 144 14.93 17.90 -36.06
N ARG A 145 13.93 17.60 -36.87
CA ARG A 145 14.10 17.57 -38.32
C ARG A 145 14.21 18.96 -38.95
N THR A 146 13.71 19.99 -38.27
CA THR A 146 13.81 21.34 -38.80
C THR A 146 15.27 21.77 -38.79
N GLY A 147 16.09 21.00 -38.10
CA GLY A 147 17.50 21.30 -38.01
C GLY A 147 18.05 21.08 -36.60
N ASN A 148 19.24 20.49 -36.53
CA ASN A 148 19.89 20.21 -35.27
C ASN A 148 20.02 21.46 -34.41
N ASP A 149 20.08 22.61 -35.08
CA ASP A 149 20.23 23.89 -34.40
C ASP A 149 18.92 24.44 -33.82
N TRP A 150 17.86 23.64 -33.81
CA TRP A 150 16.59 24.13 -33.30
C TRP A 150 16.61 24.49 -31.82
N ILE A 151 17.31 23.69 -31.03
CA ILE A 151 17.40 23.94 -29.60
C ILE A 151 18.06 25.30 -29.37
N GLU A 152 19.18 25.53 -30.05
CA GLU A 152 19.92 26.78 -29.93
C GLU A 152 19.04 27.98 -30.30
N VAL A 153 18.30 27.84 -31.40
CA VAL A 153 17.41 28.89 -31.89
C VAL A 153 16.34 29.18 -30.82
N ALA A 154 15.76 28.11 -30.29
CA ALA A 154 14.73 28.23 -29.27
C ALA A 154 15.24 29.08 -28.11
N PHE A 155 16.45 28.77 -27.63
CA PHE A 155 17.05 29.49 -26.52
C PHE A 155 17.40 30.94 -26.85
N ARG A 156 17.90 31.18 -28.07
CA ARG A 156 18.24 32.55 -28.46
C ARG A 156 16.95 33.36 -28.55
N THR A 157 15.93 32.74 -29.10
CA THR A 157 14.62 33.39 -29.24
C THR A 157 14.12 33.79 -27.86
N ALA A 158 14.10 32.82 -26.95
CA ALA A 158 13.64 33.05 -25.59
C ALA A 158 14.32 34.22 -24.92
N ARG A 159 15.65 34.24 -24.99
CA ARG A 159 16.42 35.31 -24.38
C ARG A 159 15.93 36.68 -24.84
N ALA A 160 15.58 36.76 -26.12
CA ALA A 160 15.09 38.00 -26.71
C ALA A 160 13.73 38.35 -26.15
N ALA A 161 12.80 37.39 -26.27
CA ALA A 161 11.45 37.57 -25.77
C ALA A 161 11.41 38.08 -24.33
N ASP A 162 12.16 37.43 -23.45
CA ASP A 162 12.20 37.84 -22.06
C ASP A 162 13.55 37.56 -21.44
N PRO A 163 14.45 38.55 -21.45
CA PRO A 163 15.80 38.42 -20.90
C PRO A 163 15.84 38.25 -19.37
N ALA A 164 14.71 38.51 -18.73
CA ALA A 164 14.63 38.41 -17.28
C ALA A 164 14.50 36.97 -16.79
N ALA A 165 13.95 36.10 -17.64
CA ALA A 165 13.74 34.71 -17.25
C ALA A 165 14.97 33.81 -17.40
N LYS A 166 15.16 32.91 -16.44
CA LYS A 166 16.26 31.96 -16.51
C LYS A 166 15.79 30.90 -17.49
N LEU A 167 16.60 30.62 -18.50
CA LEU A 167 16.25 29.64 -19.53
C LEU A 167 16.83 28.27 -19.25
N CYS A 168 15.95 27.28 -19.15
CA CYS A 168 16.37 25.91 -18.85
C CYS A 168 16.09 24.90 -19.96
N TYR A 169 16.91 23.86 -20.00
CA TYR A 169 16.72 22.73 -20.90
C TYR A 169 16.21 21.69 -19.91
N ASN A 170 15.09 21.02 -20.20
CA ASN A 170 14.52 20.05 -19.28
C ASN A 170 14.43 18.67 -19.90
N ASP A 171 14.65 17.63 -19.10
CA ASP A 171 14.58 16.26 -19.60
C ASP A 171 14.60 15.25 -18.46
N TYR A 172 14.26 14.00 -18.77
CA TYR A 172 14.27 12.93 -17.78
C TYR A 172 15.39 11.94 -18.12
N ASN A 173 15.61 10.98 -17.23
CA ASN A 173 16.65 9.97 -17.41
C ASN A 173 17.99 10.58 -17.77
N ILE A 174 18.28 11.75 -17.21
CA ILE A 174 19.57 12.41 -17.43
C ILE A 174 20.18 12.65 -16.04
N GLU A 175 19.71 11.87 -15.06
CA GLU A 175 20.18 11.98 -13.68
C GLU A 175 21.39 11.09 -13.37
N ASN A 176 21.38 9.86 -13.89
CA ASN A 176 22.49 8.94 -13.65
C ASN A 176 23.66 9.35 -14.57
N TRP A 177 24.77 9.75 -13.96
CA TRP A 177 25.92 10.21 -14.73
C TRP A 177 26.51 9.25 -15.77
N THR A 178 26.36 7.96 -15.57
CA THR A 178 26.92 6.99 -16.51
C THR A 178 26.09 6.77 -17.77
N TRP A 179 24.92 7.39 -17.85
CA TRP A 179 24.06 7.23 -19.02
C TRP A 179 24.46 8.10 -20.20
N ALA A 180 24.37 7.52 -21.39
CA ALA A 180 24.71 8.21 -22.63
C ALA A 180 23.82 9.43 -22.83
N LYS A 181 22.55 9.31 -22.45
CA LYS A 181 21.62 10.43 -22.61
C LYS A 181 22.15 11.60 -21.77
N THR A 182 22.57 11.28 -20.55
CA THR A 182 23.11 12.29 -19.64
C THR A 182 24.30 12.98 -20.29
N GLN A 183 25.21 12.17 -20.83
CA GLN A 183 26.41 12.69 -21.47
C GLN A 183 26.11 13.54 -22.70
N GLY A 184 25.14 13.10 -23.50
CA GLY A 184 24.78 13.86 -24.68
C GLY A 184 24.26 15.23 -24.29
N VAL A 185 23.42 15.27 -23.26
CA VAL A 185 22.88 16.55 -22.79
C VAL A 185 24.02 17.39 -22.22
N TYR A 186 24.94 16.74 -21.53
CA TYR A 186 26.09 17.44 -20.93
C TYR A 186 26.94 18.09 -22.02
N ASN A 187 27.25 17.35 -23.07
CA ASN A 187 28.07 17.88 -24.15
C ASN A 187 27.39 19.05 -24.83
N MET A 188 26.08 18.94 -25.02
CA MET A 188 25.33 20.01 -25.67
C MET A 188 25.43 21.30 -24.88
N VAL A 189 25.14 21.22 -23.58
CA VAL A 189 25.19 22.39 -22.72
C VAL A 189 26.59 22.98 -22.64
N ARG A 190 27.61 22.12 -22.60
CA ARG A 190 28.98 22.61 -22.54
C ARG A 190 29.26 23.43 -23.81
N ASP A 191 28.85 22.88 -24.95
CA ASP A 191 29.02 23.54 -26.24
C ASP A 191 28.29 24.87 -26.25
N PHE A 192 27.02 24.86 -25.85
CA PHE A 192 26.23 26.08 -25.80
C PHE A 192 26.97 27.17 -25.03
N LYS A 193 27.49 26.81 -23.86
CA LYS A 193 28.21 27.76 -23.02
C LYS A 193 29.50 28.26 -23.67
N GLN A 194 30.17 27.38 -24.42
CA GLN A 194 31.40 27.77 -25.10
C GLN A 194 31.13 28.69 -26.27
N ARG A 195 30.09 28.40 -27.04
CA ARG A 195 29.73 29.20 -28.20
C ARG A 195 28.93 30.44 -27.83
N GLY A 196 28.48 30.50 -26.59
CA GLY A 196 27.71 31.66 -26.15
C GLY A 196 26.20 31.56 -26.27
N VAL A 197 25.69 30.34 -26.46
CA VAL A 197 24.24 30.16 -26.56
C VAL A 197 23.61 30.48 -25.20
N PRO A 198 22.58 31.33 -25.20
CA PRO A 198 21.87 31.75 -23.98
C PRO A 198 21.08 30.68 -23.21
N ILE A 199 21.77 29.92 -22.38
CA ILE A 199 21.13 28.90 -21.55
C ILE A 199 21.63 29.13 -20.13
N ASP A 200 20.69 29.25 -19.20
CA ASP A 200 21.05 29.51 -17.82
C ASP A 200 20.84 28.35 -16.87
N CYS A 201 20.11 27.34 -17.32
CA CYS A 201 19.81 26.23 -16.43
C CYS A 201 19.41 24.90 -17.07
N VAL A 202 19.59 23.83 -16.32
CA VAL A 202 19.22 22.50 -16.77
C VAL A 202 18.29 21.92 -15.74
N GLY A 203 17.12 21.48 -16.19
CA GLY A 203 16.15 20.89 -15.29
C GLY A 203 16.23 19.39 -15.32
N PHE A 204 16.33 18.78 -14.14
CA PHE A 204 16.37 17.33 -14.04
C PHE A 204 15.00 16.89 -13.51
N GLN A 205 14.19 16.32 -14.39
CA GLN A 205 12.84 15.90 -14.00
C GLN A 205 12.87 15.02 -12.78
N SER A 206 13.83 14.09 -12.76
CA SER A 206 14.00 13.20 -11.63
C SER A 206 12.78 12.33 -11.31
N HIS A 207 12.34 11.55 -12.29
CA HIS A 207 11.24 10.63 -12.10
C HIS A 207 11.92 9.29 -11.84
N PHE A 208 12.07 8.94 -10.56
CA PHE A 208 12.74 7.71 -10.19
C PHE A 208 11.77 6.58 -9.83
N ASN A 209 12.11 5.38 -10.29
CA ASN A 209 11.34 4.16 -10.03
C ASN A 209 12.31 2.98 -10.25
N SER A 210 11.86 1.75 -10.04
CA SER A 210 12.77 0.62 -10.22
C SER A 210 13.21 0.44 -11.66
N GLY A 211 12.49 1.06 -12.58
CA GLY A 211 12.87 0.97 -13.98
C GLY A 211 14.10 1.83 -14.20
N SER A 212 14.06 3.06 -13.66
CA SER A 212 15.18 3.99 -13.75
C SER A 212 15.37 4.52 -12.34
N PRO A 213 16.06 3.76 -11.48
CA PRO A 213 16.33 4.11 -10.10
C PRO A 213 17.24 5.30 -9.87
N TYR A 214 17.08 5.92 -8.70
CA TYR A 214 17.91 7.03 -8.29
C TYR A 214 19.26 6.40 -8.04
N ASN A 215 20.31 7.16 -8.29
CA ASN A 215 21.67 6.67 -8.04
C ASN A 215 22.43 7.80 -7.38
N SER A 216 23.19 7.46 -6.35
CA SER A 216 23.97 8.46 -5.63
C SER A 216 24.79 9.36 -6.55
N ASN A 217 25.16 8.86 -7.74
CA ASN A 217 25.94 9.68 -8.65
C ASN A 217 25.13 10.86 -9.21
N PHE A 218 23.85 10.94 -8.84
CA PHE A 218 23.00 12.05 -9.31
C PHE A 218 23.65 13.37 -8.91
N ARG A 219 24.23 13.41 -7.71
CA ARG A 219 24.90 14.61 -7.22
C ARG A 219 26.09 14.97 -8.12
N THR A 220 26.81 13.94 -8.55
CA THR A 220 27.97 14.13 -9.42
C THR A 220 27.50 14.78 -10.72
N THR A 221 26.35 14.31 -11.22
CA THR A 221 25.78 14.86 -12.45
C THR A 221 25.49 16.36 -12.24
N LEU A 222 24.82 16.68 -11.14
CA LEU A 222 24.48 18.06 -10.83
C LEU A 222 25.70 18.94 -10.69
N GLN A 223 26.73 18.41 -10.02
CA GLN A 223 27.96 19.16 -9.81
C GLN A 223 28.68 19.41 -11.13
N ASN A 224 28.68 18.42 -12.02
CA ASN A 224 29.34 18.59 -13.31
C ASN A 224 28.64 19.67 -14.13
N PHE A 225 27.32 19.63 -14.19
CA PHE A 225 26.58 20.65 -14.94
C PHE A 225 26.79 22.02 -14.31
N ALA A 226 26.79 22.07 -12.98
CA ALA A 226 26.99 23.33 -12.28
C ALA A 226 28.37 23.90 -12.61
N ALA A 227 29.36 23.03 -12.76
CA ALA A 227 30.71 23.46 -13.07
C ALA A 227 30.79 24.09 -14.47
N LEU A 228 29.79 23.83 -15.30
CA LEU A 228 29.77 24.39 -16.66
C LEU A 228 29.43 25.88 -16.62
N GLY A 229 28.76 26.29 -15.54
CA GLY A 229 28.39 27.68 -15.40
C GLY A 229 26.90 27.91 -15.50
N VAL A 230 26.12 26.86 -15.29
CA VAL A 230 24.66 26.97 -15.37
C VAL A 230 24.02 26.50 -14.08
N ASP A 231 22.82 27.00 -13.79
CA ASP A 231 22.12 26.60 -12.58
C ASP A 231 21.48 25.24 -12.83
N VAL A 232 21.12 24.55 -11.77
CA VAL A 232 20.47 23.26 -11.90
C VAL A 232 19.25 23.24 -11.01
N ALA A 233 18.22 22.51 -11.41
CA ALA A 233 17.00 22.43 -10.62
C ALA A 233 16.34 21.07 -10.79
N ILE A 234 15.79 20.54 -9.70
CA ILE A 234 15.07 19.27 -9.70
C ILE A 234 13.66 19.73 -10.06
N THR A 235 13.22 19.41 -11.27
CA THR A 235 11.93 19.89 -11.77
C THR A 235 10.65 19.10 -11.61
N GLU A 236 10.71 17.78 -11.64
CA GLU A 236 9.50 16.99 -11.56
C GLU A 236 9.66 15.75 -10.69
N LEU A 237 10.32 15.91 -9.55
CA LEU A 237 10.60 14.81 -8.64
C LEU A 237 9.43 14.02 -8.06
N ASP A 238 9.54 12.70 -8.17
CA ASP A 238 8.62 11.73 -7.59
C ASP A 238 9.41 10.42 -7.56
N ILE A 239 9.26 9.68 -6.47
CA ILE A 239 9.99 8.43 -6.29
C ILE A 239 8.99 7.33 -5.99
N GLN A 240 9.04 6.27 -6.78
CA GLN A 240 8.14 5.13 -6.61
C GLN A 240 8.32 4.55 -5.21
N GLY A 241 7.25 4.57 -4.43
CA GLY A 241 7.32 4.04 -3.08
C GLY A 241 7.62 5.14 -2.07
N ALA A 242 8.10 6.28 -2.55
CA ALA A 242 8.42 7.43 -1.72
C ALA A 242 9.33 7.09 -0.55
N SER A 243 10.43 6.41 -0.84
CA SER A 243 11.41 6.05 0.17
C SER A 243 11.93 7.30 0.88
N SER A 244 11.97 7.24 2.21
CA SER A 244 12.47 8.34 3.02
C SER A 244 13.93 8.66 2.68
N SER A 245 14.76 7.63 2.61
CA SER A 245 16.18 7.79 2.30
C SER A 245 16.45 8.42 0.95
N THR A 246 15.73 7.96 -0.07
CA THR A 246 15.91 8.47 -1.41
C THR A 246 15.44 9.93 -1.51
N TYR A 247 14.30 10.23 -0.90
CA TYR A 247 13.80 11.60 -0.93
C TYR A 247 14.79 12.50 -0.21
N ALA A 248 15.35 12.00 0.88
CA ALA A 248 16.32 12.76 1.66
C ALA A 248 17.62 12.92 0.88
N ALA A 249 17.98 11.87 0.13
CA ALA A 249 19.20 11.88 -0.67
C ALA A 249 19.12 12.90 -1.81
N VAL A 250 18.01 12.93 -2.52
CA VAL A 250 17.84 13.89 -3.60
C VAL A 250 17.90 15.29 -2.99
N THR A 251 17.22 15.46 -1.86
CA THR A 251 17.22 16.75 -1.18
C THR A 251 18.65 17.16 -0.82
N ASN A 252 19.43 16.24 -0.26
CA ASN A 252 20.80 16.55 0.12
C ASN A 252 21.70 16.79 -1.09
N ASP A 253 21.39 16.17 -2.23
CA ASP A 253 22.20 16.41 -3.42
C ASP A 253 22.05 17.87 -3.83
N CYS A 254 20.82 18.38 -3.78
CA CYS A 254 20.59 19.78 -4.16
C CYS A 254 21.30 20.70 -3.17
N LEU A 255 21.15 20.41 -1.88
CA LEU A 255 21.78 21.21 -0.83
C LEU A 255 23.32 21.18 -0.91
N ALA A 256 23.86 20.10 -1.46
CA ALA A 256 25.31 19.94 -1.60
C ALA A 256 25.84 20.73 -2.80
N VAL A 257 24.93 21.19 -3.64
CA VAL A 257 25.32 21.95 -4.83
C VAL A 257 24.85 23.39 -4.74
N SER A 258 25.82 24.30 -4.67
CA SER A 258 25.59 25.72 -4.57
C SER A 258 24.64 26.29 -5.63
N ARG A 259 24.76 25.78 -6.86
CA ARG A 259 23.97 26.22 -7.99
C ARG A 259 22.57 25.58 -8.09
N CYS A 260 22.25 24.65 -7.20
CA CYS A 260 20.95 23.99 -7.24
C CYS A 260 19.92 24.95 -6.63
N LEU A 261 19.15 25.59 -7.51
CA LEU A 261 18.15 26.58 -7.12
C LEU A 261 17.05 26.08 -6.19
N GLY A 262 16.63 24.83 -6.38
CA GLY A 262 15.57 24.28 -5.55
C GLY A 262 15.02 22.95 -6.07
N ILE A 263 13.96 22.48 -5.43
CA ILE A 263 13.35 21.20 -5.81
C ILE A 263 11.84 21.33 -5.99
N THR A 264 11.31 20.74 -7.06
CA THR A 264 9.89 20.75 -7.33
C THR A 264 9.43 19.29 -7.40
N VAL A 265 8.41 18.92 -6.63
CA VAL A 265 7.89 17.56 -6.69
C VAL A 265 6.71 17.63 -7.65
N TRP A 266 6.49 16.56 -8.42
CA TRP A 266 5.42 16.58 -9.41
C TRP A 266 4.01 16.28 -8.91
N GLY A 267 3.49 17.15 -8.05
CA GLY A 267 2.16 16.97 -7.51
C GLY A 267 2.09 17.16 -6.01
N VAL A 268 0.88 17.37 -5.48
CA VAL A 268 0.68 17.57 -4.06
C VAL A 268 0.48 16.26 -3.29
N ARG A 269 -0.65 15.59 -3.50
CA ARG A 269 -0.94 14.32 -2.81
C ARG A 269 -0.74 13.14 -3.78
N ASP A 270 -0.56 11.93 -3.25
CA ASP A 270 -0.38 10.77 -4.14
C ASP A 270 -1.54 10.60 -5.11
N THR A 271 -2.75 10.94 -4.66
CA THR A 271 -3.93 10.84 -5.48
C THR A 271 -3.95 11.86 -6.63
N ASP A 272 -3.09 12.87 -6.55
CA ASP A 272 -3.03 13.88 -7.61
C ASP A 272 -1.95 13.54 -8.62
N SER A 273 -1.08 12.60 -8.25
CA SER A 273 0.03 12.18 -9.09
C SER A 273 -0.35 11.54 -10.41
N TRP A 274 0.44 11.83 -11.44
CA TRP A 274 0.21 11.24 -12.75
C TRP A 274 0.57 9.76 -12.68
N ARG A 275 1.17 9.35 -11.56
CA ARG A 275 1.55 7.95 -11.34
C ARG A 275 1.18 7.55 -9.93
N SER A 276 -0.09 7.74 -9.57
CA SER A 276 -0.58 7.42 -8.24
C SER A 276 -0.33 5.97 -7.81
N GLY A 277 -0.25 5.07 -8.78
CA GLY A 277 0.00 3.67 -8.46
C GLY A 277 1.34 3.48 -7.76
N ASP A 278 2.24 4.44 -7.94
CA ASP A 278 3.55 4.37 -7.31
C ASP A 278 3.62 5.19 -6.02
N THR A 279 2.48 5.76 -5.61
CA THR A 279 2.42 6.59 -4.40
C THR A 279 3.79 7.25 -4.26
N PRO A 280 4.21 8.03 -5.27
CA PRO A 280 5.50 8.72 -5.33
C PRO A 280 5.68 10.12 -4.75
N LEU A 281 4.67 10.68 -4.12
CA LEU A 281 4.79 12.03 -3.58
C LEU A 281 4.96 12.08 -2.05
N LEU A 282 4.83 13.27 -1.48
CA LEU A 282 5.04 13.46 -0.03
C LEU A 282 3.79 13.52 0.84
N PHE A 283 2.61 13.56 0.22
CA PHE A 283 1.36 13.59 0.99
C PHE A 283 0.44 12.46 0.54
N ASN A 284 -0.28 11.87 1.48
CA ASN A 284 -1.22 10.80 1.17
C ASN A 284 -2.48 11.44 0.60
N GLY A 285 -3.33 10.63 -0.02
CA GLY A 285 -4.56 11.16 -0.57
C GLY A 285 -5.44 11.79 0.49
N ASP A 286 -5.33 11.32 1.73
CA ASP A 286 -6.13 11.88 2.81
C ASP A 286 -5.54 13.18 3.34
N GLY A 287 -4.41 13.61 2.75
CA GLY A 287 -3.77 14.85 3.17
C GLY A 287 -2.69 14.76 4.25
N SER A 288 -2.46 13.57 4.80
CA SER A 288 -1.46 13.42 5.84
C SER A 288 -0.03 13.39 5.31
N LYS A 289 0.90 13.94 6.08
CA LYS A 289 2.31 13.96 5.70
C LYS A 289 2.88 12.55 5.79
N LYS A 290 3.60 12.12 4.77
CA LYS A 290 4.20 10.78 4.76
C LYS A 290 5.55 10.81 5.45
N ALA A 291 6.13 9.64 5.68
CA ALA A 291 7.43 9.54 6.32
C ALA A 291 8.45 10.37 5.53
N ALA A 292 8.37 10.29 4.20
CA ALA A 292 9.30 11.00 3.35
C ALA A 292 9.17 12.51 3.52
N TYR A 293 7.97 12.97 3.89
CA TYR A 293 7.79 14.41 4.08
C TYR A 293 8.72 14.91 5.18
N THR A 294 8.74 14.20 6.31
CA THR A 294 9.58 14.60 7.42
C THR A 294 11.07 14.39 7.16
N ALA A 295 11.40 13.42 6.30
CA ALA A 295 12.79 13.17 5.97
C ALA A 295 13.29 14.36 5.11
N VAL A 296 12.42 14.90 4.27
CA VAL A 296 12.79 16.04 3.42
C VAL A 296 12.91 17.30 4.29
N LEU A 297 11.91 17.54 5.14
CA LEU A 297 11.92 18.71 6.00
C LEU A 297 13.18 18.73 6.84
N ASN A 298 13.53 17.58 7.42
CA ASN A 298 14.72 17.51 8.25
C ASN A 298 15.99 17.80 7.46
N ALA A 299 16.09 17.24 6.25
CA ALA A 299 17.27 17.48 5.42
C ALA A 299 17.38 18.97 5.12
N LEU A 300 16.29 19.57 4.65
CA LEU A 300 16.27 20.99 4.36
C LEU A 300 16.69 21.81 5.57
N ASN A 301 16.21 21.42 6.75
CA ASN A 301 16.55 22.15 7.98
C ASN A 301 17.96 21.86 8.48
N GLY A 302 18.71 21.04 7.76
CA GLY A 302 20.07 20.74 8.17
C GLY A 302 20.19 19.41 8.90
N GLY A 303 19.07 18.83 9.28
CA GLY A 303 19.08 17.55 9.96
C GLY A 303 19.45 17.58 11.43
N SER A 304 19.99 16.47 11.91
CA SER A 304 20.41 16.33 13.30
C SER A 304 21.86 16.79 13.50
N SER A 305 22.58 16.09 14.38
CA SER A 305 23.97 16.42 14.66
C SER A 305 24.89 15.26 14.29
N THR A 306 24.58 14.08 14.79
CA THR A 306 25.37 12.87 14.51
C THR A 306 24.51 11.82 13.79
N PRO A 307 25.17 10.88 13.08
CA PRO A 307 24.49 9.82 12.34
C PRO A 307 23.47 9.03 13.18
N PRO A 308 22.38 8.58 12.55
CA PRO A 308 21.31 7.82 13.22
C PRO A 308 21.60 6.31 13.25
N PRO A 309 20.80 5.55 14.01
CA PRO A 309 20.98 4.09 14.12
C PRO A 309 20.63 3.41 12.81
N SER A 310 21.34 3.78 11.74
CA SER A 310 21.11 3.21 10.43
C SER A 310 20.87 1.71 10.56
N GLY A 311 19.62 1.30 10.42
CA GLY A 311 19.27 -0.12 10.53
C GLY A 311 19.71 -0.73 11.84
N GLY A 312 18.78 -0.86 12.78
CA GLY A 312 19.10 -1.45 14.07
C GLY A 312 19.57 -0.46 15.12
N GLY A 313 18.78 -0.30 16.18
CA GLY A 313 19.15 0.62 17.22
C GLY A 313 18.10 0.81 18.29
N GLN A 314 18.51 1.30 19.45
CA GLN A 314 17.59 1.53 20.55
C GLN A 314 16.94 2.91 20.43
N ILE A 315 15.76 3.04 21.02
CA ILE A 315 15.04 4.32 21.01
C ILE A 315 14.79 4.64 22.48
N LYS A 316 15.53 5.62 23.00
CA LYS A 316 15.44 6.00 24.40
C LYS A 316 14.62 7.25 24.68
N GLY A 317 13.70 7.14 25.64
CA GLY A 317 12.86 8.25 26.03
C GLY A 317 13.68 9.29 26.79
N VAL A 318 13.56 10.55 26.41
CA VAL A 318 14.30 11.64 27.04
C VAL A 318 13.91 11.85 28.51
N GLY A 319 12.62 12.00 28.77
CA GLY A 319 12.17 12.21 30.13
C GLY A 319 12.42 11.05 31.07
N SER A 320 12.40 9.83 30.54
CA SER A 320 12.58 8.64 31.37
C SER A 320 13.99 8.05 31.39
N GLY A 321 14.71 8.22 30.30
CA GLY A 321 16.05 7.66 30.23
C GLY A 321 15.95 6.17 29.96
N ARG A 322 14.75 5.70 29.64
CA ARG A 322 14.53 4.28 29.36
C ARG A 322 14.22 4.05 27.87
N CYS A 323 14.42 2.80 27.44
CA CYS A 323 14.22 2.42 26.05
C CYS A 323 12.89 1.79 25.69
N LEU A 324 12.50 1.95 24.43
CA LEU A 324 11.27 1.38 23.91
C LEU A 324 11.55 -0.11 23.94
N ASP A 325 10.71 -0.84 24.65
CA ASP A 325 10.91 -2.28 24.84
C ASP A 325 9.65 -3.12 24.62
N VAL A 326 9.84 -4.28 23.99
CA VAL A 326 8.75 -5.21 23.73
C VAL A 326 8.75 -6.21 24.91
N PRO A 327 7.74 -6.12 25.79
CA PRO A 327 7.60 -6.99 26.96
C PRO A 327 8.01 -8.44 26.79
N ASN A 328 8.97 -8.86 27.60
CA ASN A 328 9.49 -10.22 27.59
C ASN A 328 9.90 -10.73 26.22
N ALA A 329 10.30 -9.81 25.34
CA ALA A 329 10.72 -10.17 24.00
C ALA A 329 9.62 -10.96 23.28
N SER A 330 8.38 -10.67 23.63
CA SER A 330 7.24 -11.32 23.02
C SER A 330 7.15 -10.95 21.54
N THR A 331 6.63 -11.86 20.74
CA THR A 331 6.48 -11.64 19.30
C THR A 331 5.00 -11.69 18.97
N THR A 332 4.18 -11.80 20.00
CA THR A 332 2.72 -11.87 19.83
C THR A 332 2.15 -10.57 19.29
N ASP A 333 1.38 -10.68 18.21
CA ASP A 333 0.75 -9.52 17.62
C ASP A 333 -0.23 -8.96 18.66
N GLY A 334 -0.27 -7.64 18.80
CA GLY A 334 -1.18 -7.05 19.77
C GLY A 334 -0.50 -6.73 21.10
N THR A 335 0.76 -7.12 21.23
CA THR A 335 1.50 -6.85 22.46
C THR A 335 1.88 -5.38 22.49
N GLN A 336 1.43 -4.68 23.54
CA GLN A 336 1.72 -3.26 23.70
C GLN A 336 3.14 -3.00 24.18
N VAL A 337 3.82 -2.05 23.54
CA VAL A 337 5.20 -1.73 23.91
C VAL A 337 5.30 -0.95 25.20
N GLN A 338 6.47 -0.99 25.82
CA GLN A 338 6.69 -0.31 27.09
C GLN A 338 8.06 0.34 27.19
N LEU A 339 8.29 0.99 28.32
CA LEU A 339 9.56 1.63 28.63
C LEU A 339 10.33 0.69 29.55
N TYR A 340 11.63 0.52 29.31
CA TYR A 340 12.41 -0.35 30.15
C TYR A 340 13.90 -0.02 30.10
N ASP A 341 14.58 -0.24 31.22
CA ASP A 341 16.00 0.02 31.29
C ASP A 341 16.65 -0.54 30.04
N CYS A 342 17.43 0.31 29.37
CA CYS A 342 18.09 -0.09 28.14
C CYS A 342 19.14 -1.17 28.33
N HIS A 343 19.15 -2.14 27.43
CA HIS A 343 20.12 -3.22 27.46
C HIS A 343 20.14 -3.89 26.10
N SER A 344 21.28 -4.48 25.74
CA SER A 344 21.40 -5.15 24.45
C SER A 344 20.41 -6.30 24.41
N ALA A 345 19.49 -6.24 23.46
CA ALA A 345 18.47 -7.26 23.29
C ALA A 345 17.69 -6.93 22.02
N THR A 346 17.21 -7.95 21.34
CA THR A 346 16.47 -7.73 20.10
C THR A 346 15.15 -7.01 20.35
N ASN A 347 14.50 -7.28 21.48
CA ASN A 347 13.22 -6.64 21.77
C ASN A 347 13.37 -5.15 22.07
N GLN A 348 14.58 -4.62 21.85
CA GLN A 348 14.86 -3.20 22.06
C GLN A 348 15.60 -2.62 20.85
N GLN A 349 15.76 -3.43 19.82
CA GLN A 349 16.43 -3.01 18.59
C GLN A 349 15.41 -2.70 17.50
N TRP A 350 15.24 -1.42 17.19
CA TRP A 350 14.29 -1.01 16.18
C TRP A 350 14.98 -0.50 14.93
N THR A 351 14.46 -0.89 13.77
CA THR A 351 15.02 -0.47 12.50
C THR A 351 14.00 0.43 11.79
N TYR A 352 14.46 1.58 11.33
CA TYR A 352 13.59 2.50 10.60
C TYR A 352 13.83 2.19 9.13
N THR A 353 12.76 1.77 8.45
CA THR A 353 12.86 1.42 7.04
C THR A 353 12.51 2.61 6.15
N ASP A 354 12.95 2.56 4.91
CA ASP A 354 12.66 3.65 3.99
C ASP A 354 11.16 3.89 3.86
N ALA A 355 10.36 2.88 4.19
CA ALA A 355 8.90 3.01 4.10
C ALA A 355 8.33 3.73 5.32
N GLY A 356 9.19 3.97 6.32
CA GLY A 356 8.76 4.66 7.52
C GLY A 356 8.30 3.76 8.67
N GLU A 357 8.64 2.49 8.60
CA GLU A 357 8.26 1.56 9.66
C GLU A 357 9.34 1.46 10.73
N LEU A 358 8.92 1.10 11.93
CA LEU A 358 9.87 0.89 13.02
C LEU A 358 9.73 -0.61 13.29
N ARG A 359 10.65 -1.37 12.70
CA ARG A 359 10.65 -2.83 12.80
C ARG A 359 11.47 -3.41 13.94
N VAL A 360 10.97 -4.52 14.45
CA VAL A 360 11.62 -5.26 15.53
C VAL A 360 11.57 -6.74 15.16
N TYR A 361 12.61 -7.50 15.51
CA TYR A 361 12.68 -8.93 15.20
C TYR A 361 12.76 -9.19 13.71
N GLY A 362 12.85 -8.13 12.92
CA GLY A 362 12.94 -8.32 11.48
C GLY A 362 11.64 -8.17 10.70
N ASP A 363 10.55 -8.71 11.22
CA ASP A 363 9.29 -8.61 10.50
C ASP A 363 8.10 -8.18 11.37
N LYS A 364 8.38 -7.50 12.48
CA LYS A 364 7.33 -7.00 13.36
C LYS A 364 7.39 -5.48 13.28
N CYS A 365 6.22 -4.85 13.26
CA CYS A 365 6.13 -3.40 13.12
C CYS A 365 5.46 -2.62 14.26
N LEU A 366 6.06 -1.50 14.65
CA LEU A 366 5.46 -0.65 15.69
C LEU A 366 4.12 -0.34 15.05
N ASP A 367 3.03 -0.61 15.77
CA ASP A 367 1.69 -0.47 15.22
C ASP A 367 0.70 0.27 16.11
N ALA A 368 -0.04 1.21 15.52
CA ALA A 368 -1.04 1.98 16.25
C ALA A 368 -2.43 1.40 15.98
N ALA A 369 -3.12 1.00 17.03
CA ALA A 369 -4.45 0.42 16.91
C ALA A 369 -5.56 1.47 17.01
N GLY A 370 -5.58 2.40 16.07
CA GLY A 370 -6.58 3.45 16.09
C GLY A 370 -5.92 4.76 15.75
N THR A 371 -6.67 5.86 15.80
CA THR A 371 -6.09 7.17 15.48
C THR A 371 -6.34 8.26 16.53
N GLY A 372 -6.97 7.90 17.64
CA GLY A 372 -7.23 8.91 18.66
C GLY A 372 -6.32 8.87 19.86
N ASN A 373 -6.33 9.94 20.66
CA ASN A 373 -5.50 9.99 21.86
C ASN A 373 -5.79 8.73 22.68
N GLY A 374 -4.75 8.18 23.29
CA GLY A 374 -4.92 6.98 24.09
C GLY A 374 -4.76 5.67 23.32
N THR A 375 -4.73 5.75 22.00
CA THR A 375 -4.57 4.55 21.18
C THR A 375 -3.34 3.78 21.63
N LYS A 376 -3.47 2.47 21.75
CA LYS A 376 -2.33 1.65 22.17
C LYS A 376 -1.32 1.45 21.05
N VAL A 377 -0.04 1.52 21.40
CA VAL A 377 1.04 1.32 20.45
C VAL A 377 1.59 -0.07 20.76
N GLN A 378 1.60 -0.94 19.76
CA GLN A 378 2.04 -2.31 19.96
C GLN A 378 2.82 -2.81 18.77
N ILE A 379 3.08 -4.11 18.74
CA ILE A 379 3.75 -4.71 17.60
C ILE A 379 2.67 -5.49 16.87
N TYR A 380 2.82 -5.59 15.55
CA TYR A 380 1.86 -6.31 14.73
C TYR A 380 2.60 -6.67 13.45
N SER A 381 2.21 -7.76 12.81
CA SER A 381 2.85 -8.18 11.57
C SER A 381 2.93 -6.97 10.63
N CYS A 382 4.05 -6.84 9.92
CA CYS A 382 4.23 -5.71 9.00
C CYS A 382 3.46 -5.93 7.71
N TRP A 383 2.74 -4.90 7.26
CA TRP A 383 1.98 -5.00 6.01
C TRP A 383 1.93 -3.71 5.21
N GLY A 384 2.52 -2.64 5.75
CA GLY A 384 2.54 -1.39 5.01
C GLY A 384 1.45 -0.38 5.32
N GLY A 385 0.61 -0.66 6.31
CA GLY A 385 -0.45 0.27 6.66
C GLY A 385 0.12 1.58 7.19
N ASP A 386 -0.61 2.67 7.02
CA ASP A 386 -0.15 3.97 7.50
C ASP A 386 -0.11 4.04 9.01
N ASN A 387 -0.82 3.11 9.67
CA ASN A 387 -0.83 3.05 11.12
C ASN A 387 0.41 2.31 11.60
N GLN A 388 1.30 1.97 10.65
CA GLN A 388 2.57 1.29 10.93
C GLN A 388 3.72 2.14 10.40
N LYS A 389 3.41 3.38 10.00
CA LYS A 389 4.42 4.28 9.48
C LYS A 389 4.58 5.48 10.38
N TRP A 390 5.84 5.88 10.60
CA TRP A 390 6.14 6.98 11.49
C TRP A 390 7.09 8.02 10.91
N ARG A 391 6.91 9.26 11.37
CA ARG A 391 7.75 10.38 10.95
C ARG A 391 8.68 10.67 12.13
N LEU A 392 9.98 10.77 11.85
CA LEU A 392 10.94 11.04 12.91
C LEU A 392 11.28 12.52 12.95
N ASN A 393 10.53 13.29 13.74
CA ASN A 393 10.79 14.73 13.83
C ASN A 393 12.16 15.06 14.42
N SER A 394 12.78 16.12 13.88
CA SER A 394 14.09 16.53 14.35
C SER A 394 14.07 16.97 15.82
N ASP A 395 12.89 17.23 16.34
CA ASP A 395 12.79 17.65 17.74
C ASP A 395 12.77 16.45 18.69
N GLY A 396 12.98 15.25 18.16
CA GLY A 396 12.99 14.06 18.98
C GLY A 396 11.66 13.34 19.07
N SER A 397 10.61 13.96 18.54
CA SER A 397 9.28 13.35 18.57
C SER A 397 9.07 12.40 17.39
N ILE A 398 8.27 11.36 17.63
CA ILE A 398 7.97 10.37 16.60
C ILE A 398 6.46 10.42 16.38
N VAL A 399 6.06 10.72 15.14
CA VAL A 399 4.63 10.86 14.82
C VAL A 399 4.06 9.83 13.86
N GLY A 400 2.87 9.34 14.18
CA GLY A 400 2.21 8.36 13.31
C GLY A 400 1.68 9.06 12.07
N VAL A 401 1.98 8.49 10.89
CA VAL A 401 1.52 9.07 9.63
C VAL A 401 0.00 9.18 9.55
N GLN A 402 -0.67 8.08 9.85
CA GLN A 402 -2.14 8.05 9.78
C GLN A 402 -2.81 8.94 10.81
N SER A 403 -2.40 8.82 12.08
CA SER A 403 -2.99 9.58 13.17
C SER A 403 -2.47 10.98 13.38
N GLY A 404 -1.22 11.23 13.00
CA GLY A 404 -0.66 12.56 13.21
C GLY A 404 -0.42 12.79 14.70
N LEU A 405 -0.39 11.71 15.48
CA LEU A 405 -0.17 11.80 16.92
C LEU A 405 1.23 11.32 17.30
N CYS A 406 1.70 11.74 18.47
CA CYS A 406 3.04 11.41 18.96
C CYS A 406 3.12 10.18 19.87
N LEU A 407 4.26 9.49 19.83
CA LEU A 407 4.49 8.35 20.72
C LEU A 407 4.53 9.04 22.08
N ASP A 408 3.83 8.48 23.04
CA ASP A 408 3.71 9.11 24.35
C ASP A 408 3.72 8.11 25.51
N ALA A 409 4.60 8.34 26.48
CA ALA A 409 4.69 7.50 27.66
C ALA A 409 3.50 7.88 28.53
N VAL A 410 2.54 6.97 28.63
CA VAL A 410 1.32 7.19 29.40
C VAL A 410 1.50 7.93 30.73
N GLY A 411 0.81 9.07 30.85
CA GLY A 411 0.87 9.87 32.07
C GLY A 411 2.25 10.41 32.41
N GLY A 412 3.16 10.39 31.44
CA GLY A 412 4.49 10.90 31.68
C GLY A 412 5.29 9.97 32.59
N GLY A 413 4.88 8.71 32.65
CA GLY A 413 5.57 7.75 33.49
C GLY A 413 7.00 7.57 33.04
N THR A 414 7.89 7.25 33.98
CA THR A 414 9.30 7.05 33.64
C THR A 414 9.80 5.69 34.10
N ALA A 415 9.02 5.03 34.94
CA ALA A 415 9.38 3.73 35.50
C ALA A 415 9.31 2.58 34.49
N ASN A 416 9.99 1.48 34.80
CA ASN A 416 9.95 0.31 33.94
C ASN A 416 8.49 -0.12 33.89
N GLY A 417 8.03 -0.56 32.73
CA GLY A 417 6.66 -1.00 32.62
C GLY A 417 5.71 0.08 32.11
N THR A 418 6.17 1.33 32.06
CA THR A 418 5.32 2.40 31.55
C THR A 418 4.94 2.02 30.12
N LEU A 419 3.66 2.09 29.81
CA LEU A 419 3.14 1.75 28.49
C LEU A 419 3.22 2.93 27.53
N ILE A 420 3.18 2.62 26.23
CA ILE A 420 3.26 3.64 25.20
C ILE A 420 1.94 3.78 24.45
N GLN A 421 1.53 5.02 24.21
CA GLN A 421 0.28 5.32 23.50
C GLN A 421 0.46 6.46 22.50
N LEU A 422 -0.61 6.78 21.78
CA LEU A 422 -0.58 7.88 20.84
C LEU A 422 -1.29 9.02 21.56
N TYR A 423 -0.80 10.25 21.35
CA TYR A 423 -1.40 11.41 21.96
C TYR A 423 -0.96 12.70 21.29
N SER A 424 -1.84 13.69 21.28
CA SER A 424 -1.56 14.99 20.69
C SER A 424 -0.16 15.43 21.09
N CYS A 425 0.68 15.72 20.10
CA CYS A 425 2.05 16.13 20.38
C CYS A 425 2.07 17.36 21.29
N SER A 426 2.95 17.32 22.30
CA SER A 426 3.03 18.40 23.28
C SER A 426 4.45 18.92 23.52
N ASN A 427 5.44 18.33 22.86
CA ASN A 427 6.82 18.74 23.06
C ASN A 427 7.27 18.33 24.48
N GLY A 428 6.46 17.53 25.14
CA GLY A 428 6.80 17.07 26.48
C GLY A 428 7.96 16.09 26.40
N SER A 429 8.68 15.89 27.49
CA SER A 429 9.83 14.99 27.50
C SER A 429 9.43 13.52 27.35
N ASN A 430 8.16 13.21 27.61
CA ASN A 430 7.67 11.84 27.50
C ASN A 430 7.22 11.55 26.08
N GLN A 431 7.49 12.50 25.18
CA GLN A 431 7.15 12.37 23.77
C GLN A 431 8.42 12.63 22.92
N ARG A 432 9.55 12.78 23.61
CA ARG A 432 10.84 13.03 22.95
C ARG A 432 11.70 11.80 23.12
N TRP A 433 12.38 11.40 22.04
CA TRP A 433 13.22 10.22 22.07
C TRP A 433 14.57 10.48 21.41
N THR A 434 15.61 9.83 21.91
CA THR A 434 16.94 10.02 21.36
C THR A 434 17.59 8.67 21.09
N ARG A 435 18.91 8.66 21.10
CA ARG A 435 19.68 7.46 20.86
C ARG A 435 20.55 7.15 22.07
N THR A 436 20.76 5.86 22.32
CA THR A 436 21.58 5.43 23.45
C THR A 436 23.06 5.67 23.17
N ALA B 1 -7.84 -32.63 -5.66
CA ALA B 1 -7.52 -31.52 -6.60
C ALA B 1 -6.89 -30.37 -5.84
N GLU B 2 -5.79 -30.66 -5.15
CA GLU B 2 -5.05 -29.69 -4.35
C GLU B 2 -4.54 -28.44 -5.07
N SER B 3 -5.21 -28.03 -6.15
CA SER B 3 -4.79 -26.84 -6.88
C SER B 3 -5.65 -25.61 -6.61
N THR B 4 -6.78 -25.81 -5.94
CA THR B 4 -7.69 -24.71 -5.60
C THR B 4 -8.06 -24.83 -4.13
N LEU B 5 -8.41 -23.70 -3.50
CA LEU B 5 -8.77 -23.69 -2.10
C LEU B 5 -9.88 -24.68 -1.77
N GLY B 6 -10.97 -24.61 -2.52
CA GLY B 6 -12.09 -25.50 -2.27
C GLY B 6 -11.73 -26.97 -2.38
N ALA B 7 -11.01 -27.32 -3.44
CA ALA B 7 -10.61 -28.71 -3.67
C ALA B 7 -9.63 -29.19 -2.61
N ALA B 8 -8.71 -28.33 -2.21
CA ALA B 8 -7.71 -28.68 -1.19
C ALA B 8 -8.36 -28.82 0.19
N ALA B 9 -9.34 -27.96 0.47
CA ALA B 9 -10.02 -28.01 1.76
C ALA B 9 -10.81 -29.32 1.84
N ALA B 10 -11.34 -29.74 0.70
CA ALA B 10 -12.14 -30.96 0.62
C ALA B 10 -11.34 -32.23 0.95
N GLN B 11 -10.01 -32.17 0.80
CA GLN B 11 -9.22 -33.36 1.12
C GLN B 11 -9.12 -33.61 2.62
N SER B 12 -9.59 -32.65 3.42
CA SER B 12 -9.57 -32.83 4.87
C SER B 12 -11.03 -32.89 5.32
N GLY B 13 -11.92 -33.07 4.33
CA GLY B 13 -13.35 -33.15 4.58
C GLY B 13 -14.00 -31.79 4.82
N ARG B 14 -13.28 -30.71 4.51
CA ARG B 14 -13.79 -29.37 4.75
C ARG B 14 -14.08 -28.57 3.48
N TYR B 15 -14.71 -27.42 3.67
CA TYR B 15 -15.02 -26.55 2.55
C TYR B 15 -14.25 -25.25 2.69
N PHE B 16 -14.15 -24.50 1.60
CA PHE B 16 -13.52 -23.20 1.65
C PHE B 16 -14.46 -22.29 0.87
N GLY B 17 -15.08 -21.34 1.56
CA GLY B 17 -16.04 -20.47 0.89
C GLY B 17 -15.70 -19.00 0.83
N THR B 18 -16.62 -18.22 0.27
CA THR B 18 -16.44 -16.77 0.17
C THR B 18 -17.81 -16.12 0.31
N ALA B 19 -17.80 -14.79 0.28
CA ALA B 19 -19.03 -14.02 0.36
C ALA B 19 -19.24 -13.43 -1.03
N ILE B 20 -20.41 -13.67 -1.59
CA ILE B 20 -20.72 -13.21 -2.94
C ILE B 20 -21.67 -12.00 -2.94
N ALA B 21 -21.36 -11.03 -3.78
CA ALA B 21 -22.19 -9.85 -3.94
C ALA B 21 -22.80 -10.02 -5.34
N SER B 22 -24.13 -10.08 -5.41
CA SER B 22 -24.81 -10.27 -6.68
C SER B 22 -24.45 -9.22 -7.72
N GLY B 23 -24.26 -7.98 -7.28
CA GLY B 23 -23.93 -6.90 -8.19
C GLY B 23 -22.58 -7.03 -8.87
N LYS B 24 -21.78 -8.01 -8.45
CA LYS B 24 -20.47 -8.21 -9.05
C LYS B 24 -20.43 -9.48 -9.91
N LEU B 25 -21.55 -10.20 -9.96
CA LEU B 25 -21.61 -11.46 -10.71
C LEU B 25 -21.52 -11.28 -12.22
N GLY B 26 -21.74 -10.05 -12.68
CA GLY B 26 -21.64 -9.77 -14.11
C GLY B 26 -20.19 -9.43 -14.46
N ASP B 27 -19.33 -9.47 -13.45
CA ASP B 27 -17.90 -9.19 -13.64
C ASP B 27 -17.16 -10.52 -13.82
N SER B 28 -16.81 -10.83 -15.07
CA SER B 28 -16.13 -12.08 -15.41
C SER B 28 -14.86 -12.38 -14.60
N ALA B 29 -14.12 -11.35 -14.24
CA ALA B 29 -12.88 -11.54 -13.47
C ALA B 29 -13.24 -12.04 -12.07
N TYR B 30 -14.31 -11.49 -11.53
CA TYR B 30 -14.79 -11.85 -10.21
C TYR B 30 -15.31 -13.28 -10.17
N THR B 31 -16.19 -13.62 -11.11
CA THR B 31 -16.77 -14.96 -11.17
C THR B 31 -15.77 -16.04 -11.56
N THR B 32 -14.84 -15.74 -12.45
CA THR B 32 -13.84 -16.72 -12.84
C THR B 32 -13.15 -17.19 -11.56
N ILE B 33 -12.74 -16.24 -10.73
CA ILE B 33 -12.07 -16.55 -9.47
C ILE B 33 -12.99 -17.26 -8.46
N ALA B 34 -14.15 -16.66 -8.20
CA ALA B 34 -15.09 -17.22 -7.24
C ALA B 34 -15.54 -18.63 -7.59
N SER B 35 -15.83 -18.86 -8.86
CA SER B 35 -16.29 -20.17 -9.27
C SER B 35 -15.21 -21.24 -9.13
N ARG B 36 -13.97 -20.88 -9.43
CA ARG B 36 -12.86 -21.80 -9.38
C ARG B 36 -12.34 -22.18 -7.99
N GLU B 37 -12.20 -21.17 -7.14
CA GLU B 37 -11.64 -21.34 -5.80
C GLU B 37 -12.53 -21.78 -4.62
N PHE B 38 -13.82 -21.45 -4.65
CA PHE B 38 -14.66 -21.78 -3.50
C PHE B 38 -15.78 -22.76 -3.78
N ASN B 39 -16.11 -23.56 -2.77
CA ASN B 39 -17.20 -24.52 -2.88
C ASN B 39 -18.29 -24.25 -1.84
N MET B 40 -18.28 -23.04 -1.29
CA MET B 40 -19.30 -22.62 -0.31
C MET B 40 -19.53 -21.14 -0.56
N VAL B 41 -20.78 -20.70 -0.49
CA VAL B 41 -21.12 -19.30 -0.72
C VAL B 41 -22.03 -18.71 0.36
N THR B 42 -21.73 -17.47 0.75
CA THR B 42 -22.54 -16.73 1.72
C THR B 42 -22.93 -15.44 1.00
N ALA B 43 -24.18 -15.01 1.09
CA ALA B 43 -24.60 -13.78 0.44
C ALA B 43 -24.13 -12.65 1.34
N GLU B 44 -23.25 -11.79 0.84
CA GLU B 44 -22.73 -10.71 1.64
C GLU B 44 -23.78 -9.79 2.27
N ASN B 45 -24.89 -9.58 1.56
CA ASN B 45 -25.95 -8.70 2.06
C ASN B 45 -27.36 -9.08 1.63
N GLU B 46 -27.48 -9.85 0.55
CA GLU B 46 -28.77 -10.20 -0.01
C GLU B 46 -29.75 -11.07 0.77
N MET B 47 -29.32 -11.68 1.86
CA MET B 47 -30.26 -12.49 2.65
C MET B 47 -30.47 -11.89 4.02
N LYS B 48 -29.99 -10.66 4.20
CA LYS B 48 -30.15 -9.99 5.48
C LYS B 48 -31.60 -9.56 5.68
N ILE B 49 -31.93 -9.09 6.87
CA ILE B 49 -33.30 -8.71 7.19
C ILE B 49 -33.90 -7.63 6.30
N ASP B 50 -33.24 -6.50 6.19
CA ASP B 50 -33.75 -5.41 5.37
C ASP B 50 -33.97 -5.83 3.94
N ALA B 51 -33.05 -6.64 3.41
CA ALA B 51 -33.14 -7.12 2.03
C ALA B 51 -34.23 -8.17 1.76
N THR B 52 -34.57 -8.98 2.76
CA THR B 52 -35.59 -10.01 2.55
C THR B 52 -37.01 -9.65 2.98
N GLU B 53 -37.17 -8.68 3.87
CA GLU B 53 -38.50 -8.26 4.30
C GLU B 53 -38.52 -6.72 4.36
N PRO B 54 -38.53 -6.06 3.18
CA PRO B 54 -38.54 -4.60 3.01
C PRO B 54 -39.67 -3.89 3.74
N GLN B 55 -40.83 -4.54 3.76
CA GLN B 55 -42.00 -4.01 4.47
C GLN B 55 -42.49 -5.17 5.34
N ARG B 56 -43.09 -4.86 6.50
CA ARG B 56 -43.56 -5.91 7.39
C ARG B 56 -44.57 -6.85 6.71
N GLY B 57 -44.22 -8.13 6.67
CA GLY B 57 -45.10 -9.13 6.07
C GLY B 57 -44.89 -9.30 4.57
N GLN B 58 -44.06 -8.45 3.99
CA GLN B 58 -43.78 -8.51 2.56
C GLN B 58 -42.34 -8.95 2.31
N PHE B 59 -42.19 -10.22 1.93
CA PHE B 59 -40.86 -10.79 1.68
C PHE B 59 -40.39 -10.63 0.24
N ASN B 60 -39.09 -10.39 0.08
CA ASN B 60 -38.51 -10.21 -1.23
C ASN B 60 -37.23 -11.05 -1.32
N PHE B 61 -37.19 -12.00 -2.24
CA PHE B 61 -36.03 -12.87 -2.35
C PHE B 61 -35.25 -12.76 -3.65
N SER B 62 -35.52 -11.73 -4.44
CA SER B 62 -34.82 -11.55 -5.70
C SER B 62 -33.31 -11.49 -5.58
N ALA B 63 -32.82 -10.62 -4.71
CA ALA B 63 -31.38 -10.49 -4.53
C ALA B 63 -30.80 -11.78 -3.96
N GLY B 64 -31.48 -12.32 -2.95
CA GLY B 64 -31.04 -13.56 -2.33
C GLY B 64 -30.92 -14.68 -3.34
N ASP B 65 -31.96 -14.85 -4.15
CA ASP B 65 -31.97 -15.90 -5.17
C ASP B 65 -30.91 -15.76 -6.26
N ARG B 66 -30.53 -14.52 -6.60
CA ARG B 66 -29.47 -14.34 -7.60
C ARG B 66 -28.19 -14.98 -7.08
N VAL B 67 -27.88 -14.75 -5.81
CA VAL B 67 -26.67 -15.33 -5.22
C VAL B 67 -26.83 -16.84 -5.13
N TYR B 68 -27.95 -17.29 -4.56
CA TYR B 68 -28.22 -18.71 -4.42
C TYR B 68 -28.13 -19.44 -5.76
N ASN B 69 -28.85 -18.94 -6.76
CA ASN B 69 -28.86 -19.54 -8.09
C ASN B 69 -27.44 -19.73 -8.64
N TRP B 70 -26.59 -18.71 -8.47
CA TRP B 70 -25.21 -18.78 -8.94
C TRP B 70 -24.41 -19.84 -8.17
N ALA B 71 -24.68 -19.93 -6.86
CA ALA B 71 -23.99 -20.87 -6.01
C ALA B 71 -24.24 -22.30 -6.45
N VAL B 72 -25.51 -22.71 -6.48
CA VAL B 72 -25.84 -24.07 -6.88
C VAL B 72 -25.49 -24.37 -8.34
N GLN B 73 -25.59 -23.36 -9.20
CA GLN B 73 -25.26 -23.52 -10.62
C GLN B 73 -23.76 -23.82 -10.79
N ASN B 74 -22.97 -23.46 -9.79
CA ASN B 74 -21.54 -23.70 -9.88
C ASN B 74 -21.03 -24.66 -8.83
N GLY B 75 -21.92 -25.55 -8.41
CA GLY B 75 -21.60 -26.59 -7.45
C GLY B 75 -21.24 -26.18 -6.03
N LYS B 76 -21.75 -25.04 -5.56
CA LYS B 76 -21.43 -24.61 -4.21
C LYS B 76 -22.62 -24.74 -3.25
N GLN B 77 -22.32 -25.02 -1.99
CA GLN B 77 -23.35 -25.09 -0.96
C GLN B 77 -23.54 -23.65 -0.50
N VAL B 78 -24.57 -23.41 0.30
CA VAL B 78 -24.86 -22.06 0.74
C VAL B 78 -25.07 -21.89 2.24
N ARG B 79 -24.47 -20.83 2.80
CA ARG B 79 -24.65 -20.49 4.22
C ARG B 79 -25.64 -19.32 4.23
N GLY B 80 -26.78 -19.50 4.90
CA GLY B 80 -27.75 -18.43 4.97
C GLY B 80 -27.31 -17.38 5.99
N HIS B 81 -27.29 -16.12 5.59
CA HIS B 81 -26.86 -15.03 6.47
C HIS B 81 -27.69 -13.76 6.21
N THR B 82 -28.45 -13.27 7.19
CA THR B 82 -28.60 -13.81 8.54
C THR B 82 -30.03 -13.49 9.00
N LEU B 83 -30.60 -14.31 9.88
CA LEU B 83 -32.00 -14.16 10.32
C LEU B 83 -32.44 -13.19 11.42
N ALA B 84 -31.68 -13.07 12.50
CA ALA B 84 -32.03 -12.18 13.61
C ALA B 84 -30.79 -11.38 13.97
N TRP B 85 -30.88 -10.06 13.83
CA TRP B 85 -29.73 -9.21 14.06
C TRP B 85 -30.15 -7.77 14.39
N HIS B 86 -29.36 -7.12 15.24
CA HIS B 86 -29.64 -5.75 15.66
C HIS B 86 -29.27 -4.75 14.57
N SER B 87 -28.47 -5.21 13.60
CA SER B 87 -28.00 -4.35 12.52
C SER B 87 -28.64 -4.61 11.16
N GLN B 88 -28.61 -3.59 10.30
CA GLN B 88 -29.18 -3.65 8.97
C GLN B 88 -30.64 -4.13 9.01
N GLN B 89 -31.35 -3.62 10.00
CA GLN B 89 -32.77 -3.93 10.19
C GLN B 89 -33.54 -2.93 9.33
N PRO B 90 -34.60 -3.38 8.64
CA PRO B 90 -35.31 -2.39 7.84
C PRO B 90 -35.91 -1.37 8.81
N GLY B 91 -36.18 -0.16 8.30
CA GLY B 91 -36.75 0.87 9.16
C GLY B 91 -37.93 0.43 10.01
N TRP B 92 -38.90 -0.23 9.38
CA TRP B 92 -40.10 -0.67 10.09
C TRP B 92 -39.78 -1.54 11.30
N MET B 93 -38.67 -2.28 11.24
CA MET B 93 -38.28 -3.14 12.33
C MET B 93 -37.55 -2.36 13.43
N GLN B 94 -36.69 -1.42 13.02
CA GLN B 94 -35.96 -0.60 13.97
C GLN B 94 -36.93 0.14 14.89
N SER B 95 -38.12 0.39 14.37
CA SER B 95 -39.16 1.11 15.12
C SER B 95 -39.91 0.22 16.11
N LEU B 96 -39.64 -1.08 16.06
CA LEU B 96 -40.34 -2.00 16.95
C LEU B 96 -39.59 -2.31 18.23
N SER B 97 -40.34 -2.78 19.22
CA SER B 97 -39.80 -3.17 20.50
C SER B 97 -40.86 -4.03 21.19
N GLY B 98 -40.49 -4.68 22.28
CA GLY B 98 -41.44 -5.51 23.00
C GLY B 98 -42.03 -6.67 22.24
N SER B 99 -43.22 -7.08 22.66
CA SER B 99 -43.90 -8.22 22.05
C SER B 99 -44.11 -8.07 20.55
N THR B 100 -44.37 -6.86 20.08
CA THR B 100 -44.56 -6.68 18.65
C THR B 100 -43.25 -6.98 17.90
N LEU B 101 -42.11 -6.57 18.46
CA LEU B 101 -40.83 -6.86 17.81
C LEU B 101 -40.55 -8.36 17.92
N ARG B 102 -40.91 -8.96 19.06
CA ARG B 102 -40.69 -10.39 19.26
C ARG B 102 -41.39 -11.21 18.18
N GLN B 103 -42.65 -10.87 17.89
CA GLN B 103 -43.38 -11.62 16.86
C GLN B 103 -42.86 -11.32 15.46
N ALA B 104 -42.46 -10.08 15.22
CA ALA B 104 -41.92 -9.73 13.92
C ALA B 104 -40.67 -10.58 13.69
N MET B 105 -39.84 -10.71 14.72
CA MET B 105 -38.63 -11.50 14.64
C MET B 105 -38.94 -12.93 14.23
N ILE B 106 -39.92 -13.53 14.91
CA ILE B 106 -40.34 -14.89 14.61
C ILE B 106 -40.91 -14.98 13.20
N ASP B 107 -41.74 -13.99 12.82
CA ASP B 107 -42.34 -13.98 11.49
C ASP B 107 -41.26 -13.93 10.40
N HIS B 108 -40.22 -13.14 10.64
CA HIS B 108 -39.15 -13.01 9.66
C HIS B 108 -38.44 -14.35 9.46
N ILE B 109 -38.02 -14.96 10.57
CA ILE B 109 -37.37 -16.26 10.50
C ILE B 109 -38.21 -17.24 9.70
N ASN B 110 -39.50 -17.34 10.04
CA ASN B 110 -40.40 -18.25 9.33
C ASN B 110 -40.50 -17.98 7.83
N GLY B 111 -40.65 -16.71 7.47
CA GLY B 111 -40.74 -16.37 6.06
C GLY B 111 -39.46 -16.67 5.27
N VAL B 112 -38.31 -16.25 5.78
CA VAL B 112 -37.06 -16.48 5.06
C VAL B 112 -36.67 -17.95 4.97
N MET B 113 -36.71 -18.67 6.08
CA MET B 113 -36.36 -20.08 6.08
C MET B 113 -37.30 -20.92 5.23
N GLY B 114 -38.58 -20.53 5.21
CA GLY B 114 -39.56 -21.26 4.44
C GLY B 114 -39.24 -21.21 2.95
N HIS B 115 -38.89 -20.01 2.47
CA HIS B 115 -38.53 -19.86 1.06
C HIS B 115 -37.34 -20.74 0.70
N TYR B 116 -36.36 -20.81 1.59
CA TYR B 116 -35.15 -21.60 1.34
C TYR B 116 -35.13 -22.99 1.97
N LYS B 117 -36.24 -23.39 2.56
CA LYS B 117 -36.33 -24.70 3.21
C LYS B 117 -35.70 -25.84 2.43
N GLY B 118 -34.77 -26.54 3.07
CA GLY B 118 -34.11 -27.67 2.45
C GLY B 118 -32.99 -27.34 1.47
N LYS B 119 -32.69 -26.06 1.29
CA LYS B 119 -31.64 -25.66 0.35
C LYS B 119 -30.42 -25.03 1.00
N ILE B 120 -30.48 -24.80 2.31
CA ILE B 120 -29.39 -24.16 3.04
C ILE B 120 -28.65 -25.10 4.00
N ALA B 121 -27.33 -25.21 3.82
CA ALA B 121 -26.51 -26.08 4.66
C ALA B 121 -26.39 -25.54 6.08
N GLN B 122 -26.15 -24.24 6.21
CA GLN B 122 -26.01 -23.58 7.50
C GLN B 122 -26.74 -22.25 7.49
N TRP B 123 -27.35 -21.90 8.63
CA TRP B 123 -28.03 -20.62 8.78
C TRP B 123 -27.44 -19.90 9.97
N ASP B 124 -27.10 -18.61 9.80
CA ASP B 124 -26.62 -17.82 10.92
C ASP B 124 -27.95 -17.30 11.48
N VAL B 125 -28.57 -18.09 12.36
CA VAL B 125 -29.85 -17.73 12.94
C VAL B 125 -29.82 -16.39 13.68
N VAL B 126 -28.87 -16.24 14.58
CA VAL B 126 -28.71 -15.01 15.34
C VAL B 126 -27.30 -14.50 15.12
N ASN B 127 -27.17 -13.20 14.90
CA ASN B 127 -25.87 -12.59 14.66
C ASN B 127 -25.55 -11.48 15.67
N GLU B 128 -24.33 -11.52 16.19
CA GLU B 128 -23.80 -10.51 17.12
C GLU B 128 -24.68 -10.12 18.30
N ALA B 129 -25.15 -11.11 19.05
CA ALA B 129 -26.02 -10.85 20.20
C ALA B 129 -25.27 -10.40 21.44
N PHE B 130 -23.95 -10.49 21.43
CA PHE B 130 -23.16 -10.08 22.59
C PHE B 130 -22.47 -8.74 22.43
N SER B 131 -22.19 -8.13 23.58
CA SER B 131 -21.56 -6.80 23.63
C SER B 131 -20.03 -6.83 23.55
N ASP B 132 -19.43 -5.66 23.34
CA ASP B 132 -17.98 -5.54 23.27
C ASP B 132 -17.41 -4.76 24.45
N ASP B 133 -18.29 -4.29 25.34
CA ASP B 133 -17.83 -3.52 26.50
C ASP B 133 -16.84 -4.30 27.38
N GLY B 134 -16.63 -5.58 27.04
CA GLY B 134 -15.69 -6.40 27.79
C GLY B 134 -16.26 -7.09 29.01
N SER B 135 -17.59 -7.11 29.12
CA SER B 135 -18.27 -7.73 30.26
C SER B 135 -18.78 -9.13 29.92
N GLY B 136 -18.83 -9.45 28.63
CA GLY B 136 -19.32 -10.75 28.22
C GLY B 136 -20.84 -10.81 28.29
N GLY B 137 -21.47 -9.65 28.47
CA GLY B 137 -22.91 -9.58 28.56
C GLY B 137 -23.57 -9.43 27.19
N ARG B 138 -24.90 -9.39 27.19
CA ARG B 138 -25.68 -9.24 25.97
C ARG B 138 -25.60 -7.82 25.42
N ARG B 139 -25.72 -7.69 24.11
CA ARG B 139 -25.70 -6.38 23.46
C ARG B 139 -27.07 -5.72 23.73
N ASP B 140 -27.07 -4.43 24.02
CA ASP B 140 -28.32 -3.72 24.29
C ASP B 140 -28.97 -3.28 22.97
N SER B 141 -29.88 -4.09 22.47
CA SER B 141 -30.59 -3.80 21.22
C SER B 141 -32.09 -3.92 21.47
N ASN B 142 -32.90 -3.56 20.47
CA ASN B 142 -34.34 -3.69 20.64
C ASN B 142 -34.68 -5.17 20.81
N LEU B 143 -33.89 -6.03 20.19
CA LEU B 143 -34.11 -7.48 20.29
C LEU B 143 -33.88 -7.98 21.71
N GLN B 144 -32.74 -7.62 22.30
CA GLN B 144 -32.43 -8.04 23.66
C GLN B 144 -33.49 -7.52 24.64
N ARG B 145 -34.01 -6.32 24.38
CA ARG B 145 -35.02 -5.70 25.24
C ARG B 145 -36.38 -6.40 25.24
N THR B 146 -36.61 -7.27 24.27
CA THR B 146 -37.87 -7.99 24.23
C THR B 146 -37.85 -9.10 25.28
N GLY B 147 -36.65 -9.40 25.78
CA GLY B 147 -36.49 -10.45 26.79
C GLY B 147 -35.19 -11.21 26.54
N ASN B 148 -34.53 -11.64 27.60
CA ASN B 148 -33.25 -12.36 27.47
C ASN B 148 -33.38 -13.66 26.71
N ASP B 149 -34.61 -14.17 26.60
CA ASP B 149 -34.90 -15.42 25.91
C ASP B 149 -35.03 -15.31 24.38
N TRP B 150 -34.94 -14.11 23.83
CA TRP B 150 -35.11 -13.94 22.38
C TRP B 150 -34.21 -14.82 21.51
N ILE B 151 -32.97 -15.05 21.93
CA ILE B 151 -32.07 -15.88 21.14
C ILE B 151 -32.56 -17.33 21.13
N GLU B 152 -32.99 -17.83 22.29
CA GLU B 152 -33.48 -19.20 22.39
C GLU B 152 -34.71 -19.37 21.49
N VAL B 153 -35.62 -18.39 21.56
CA VAL B 153 -36.83 -18.40 20.75
C VAL B 153 -36.50 -18.41 19.26
N ALA B 154 -35.46 -17.66 18.88
CA ALA B 154 -35.06 -17.61 17.48
C ALA B 154 -34.62 -19.01 17.00
N PHE B 155 -33.82 -19.70 17.81
CA PHE B 155 -33.34 -21.02 17.45
C PHE B 155 -34.44 -22.08 17.42
N ARG B 156 -35.36 -22.04 18.38
CA ARG B 156 -36.44 -23.02 18.38
C ARG B 156 -37.27 -22.76 17.12
N THR B 157 -37.51 -21.49 16.81
CA THR B 157 -38.29 -21.14 15.63
C THR B 157 -37.60 -21.64 14.36
N ALA B 158 -36.29 -21.49 14.32
CA ALA B 158 -35.51 -21.92 13.16
C ALA B 158 -35.53 -23.44 12.98
N ARG B 159 -35.35 -24.19 14.06
CA ARG B 159 -35.36 -25.65 13.94
C ARG B 159 -36.69 -26.12 13.36
N ALA B 160 -37.79 -25.53 13.82
CA ALA B 160 -39.11 -25.89 13.34
C ALA B 160 -39.31 -25.50 11.89
N ALA B 161 -38.79 -24.34 11.49
CA ALA B 161 -38.96 -23.88 10.10
C ALA B 161 -38.21 -24.71 9.05
N ASP B 162 -37.06 -25.27 9.42
CA ASP B 162 -36.29 -26.09 8.48
C ASP B 162 -35.33 -26.95 9.29
N PRO B 163 -35.79 -28.13 9.71
CA PRO B 163 -34.96 -29.05 10.50
C PRO B 163 -33.76 -29.67 9.78
N ALA B 164 -33.63 -29.43 8.48
CA ALA B 164 -32.51 -30.00 7.73
C ALA B 164 -31.26 -29.11 7.75
N ALA B 165 -31.41 -27.87 8.20
CA ALA B 165 -30.28 -26.95 8.25
C ALA B 165 -29.55 -26.95 9.59
N LYS B 166 -28.26 -26.66 9.56
CA LYS B 166 -27.47 -26.56 10.78
C LYS B 166 -27.72 -25.14 11.25
N LEU B 167 -28.08 -24.99 12.52
CA LEU B 167 -28.36 -23.68 13.09
C LEU B 167 -27.12 -23.12 13.78
N CYS B 168 -26.64 -21.98 13.30
CA CYS B 168 -25.46 -21.36 13.88
C CYS B 168 -25.73 -20.06 14.60
N TYR B 169 -24.88 -19.78 15.59
CA TYR B 169 -24.92 -18.53 16.31
C TYR B 169 -23.64 -17.91 15.74
N ASN B 170 -23.72 -16.69 15.22
CA ASN B 170 -22.54 -16.04 14.61
C ASN B 170 -22.18 -14.75 15.33
N ASP B 171 -20.88 -14.52 15.55
CA ASP B 171 -20.41 -13.29 16.22
C ASP B 171 -18.94 -13.01 15.95
N TYR B 172 -18.49 -11.81 16.31
CA TYR B 172 -17.09 -11.41 16.13
C TYR B 172 -16.45 -11.15 17.48
N ASN B 173 -15.11 -11.05 17.48
CA ASN B 173 -14.34 -10.82 18.68
C ASN B 173 -14.59 -11.93 19.71
N ILE B 174 -14.88 -13.12 19.21
CA ILE B 174 -15.08 -14.28 20.07
C ILE B 174 -14.06 -15.36 19.68
N GLU B 175 -12.91 -14.92 19.16
CA GLU B 175 -11.87 -15.86 18.75
C GLU B 175 -10.78 -16.02 19.83
N ASN B 176 -10.48 -14.93 20.54
CA ASN B 176 -9.47 -14.94 21.60
C ASN B 176 -10.14 -15.48 22.86
N TRP B 177 -9.67 -16.63 23.37
CA TRP B 177 -10.31 -17.21 24.55
C TRP B 177 -10.35 -16.35 25.79
N THR B 178 -9.34 -15.51 25.97
CA THR B 178 -9.27 -14.65 27.16
C THR B 178 -10.29 -13.52 27.20
N TRP B 179 -10.99 -13.30 26.10
CA TRP B 179 -11.97 -12.21 26.06
C TRP B 179 -13.30 -12.65 26.67
N ALA B 180 -13.91 -11.74 27.43
CA ALA B 180 -15.18 -12.02 28.10
C ALA B 180 -16.29 -12.39 27.12
N LYS B 181 -16.34 -11.68 26.00
CA LYS B 181 -17.36 -11.93 24.98
C LYS B 181 -17.33 -13.38 24.51
N THR B 182 -16.13 -13.92 24.32
CA THR B 182 -15.95 -15.30 23.90
C THR B 182 -16.58 -16.25 24.92
N GLN B 183 -16.29 -16.01 26.19
CA GLN B 183 -16.79 -16.85 27.25
C GLN B 183 -18.30 -16.67 27.47
N GLY B 184 -18.79 -15.46 27.20
CA GLY B 184 -20.22 -15.20 27.34
C GLY B 184 -20.97 -16.08 26.35
N VAL B 185 -20.47 -16.14 25.12
CA VAL B 185 -21.11 -16.95 24.09
C VAL B 185 -20.97 -18.43 24.44
N TYR B 186 -19.81 -18.79 24.98
CA TYR B 186 -19.58 -20.18 25.37
C TYR B 186 -20.61 -20.60 26.42
N ASN B 187 -20.83 -19.74 27.42
CA ASN B 187 -21.80 -20.05 28.46
C ASN B 187 -23.21 -20.21 27.91
N MET B 188 -23.58 -19.37 26.95
CA MET B 188 -24.92 -19.45 26.35
C MET B 188 -25.10 -20.75 25.60
N VAL B 189 -24.14 -21.05 24.73
CA VAL B 189 -24.19 -22.27 23.93
C VAL B 189 -24.27 -23.47 24.86
N ARG B 190 -23.47 -23.46 25.92
CA ARG B 190 -23.47 -24.56 26.88
C ARG B 190 -24.85 -24.67 27.51
N ASP B 191 -25.44 -23.52 27.83
CA ASP B 191 -26.77 -23.49 28.42
C ASP B 191 -27.79 -24.11 27.49
N PHE B 192 -27.72 -23.72 26.22
CA PHE B 192 -28.63 -24.23 25.20
C PHE B 192 -28.53 -25.76 25.07
N LYS B 193 -27.31 -26.29 25.00
CA LYS B 193 -27.16 -27.74 24.87
C LYS B 193 -27.76 -28.46 26.07
N GLN B 194 -27.54 -27.92 27.26
CA GLN B 194 -28.06 -28.55 28.48
C GLN B 194 -29.59 -28.56 28.53
N ARG B 195 -30.22 -27.44 28.18
CA ARG B 195 -31.67 -27.34 28.21
C ARG B 195 -32.37 -27.83 26.93
N GLY B 196 -31.58 -28.35 25.99
CA GLY B 196 -32.18 -28.83 24.76
C GLY B 196 -32.59 -27.74 23.77
N VAL B 197 -31.91 -26.60 23.80
CA VAL B 197 -32.23 -25.54 22.85
C VAL B 197 -31.51 -25.94 21.56
N PRO B 198 -32.23 -25.95 20.42
CA PRO B 198 -31.66 -26.33 19.13
C PRO B 198 -30.53 -25.43 18.64
N ILE B 199 -29.32 -25.95 18.61
CA ILE B 199 -28.16 -25.20 18.13
C ILE B 199 -27.11 -26.23 17.69
N ASP B 200 -26.69 -26.12 16.43
CA ASP B 200 -25.74 -27.07 15.85
C ASP B 200 -24.37 -26.48 15.53
N CYS B 201 -24.25 -25.17 15.62
CA CYS B 201 -23.01 -24.56 15.22
C CYS B 201 -22.75 -23.17 15.77
N VAL B 202 -21.47 -22.82 15.83
CA VAL B 202 -21.05 -21.51 16.29
C VAL B 202 -20.13 -20.95 15.20
N GLY B 203 -20.49 -19.79 14.68
CA GLY B 203 -19.67 -19.18 13.65
C GLY B 203 -18.77 -18.11 14.22
N PHE B 204 -17.47 -18.25 13.97
CA PHE B 204 -16.48 -17.29 14.44
C PHE B 204 -16.14 -16.43 13.23
N GLN B 205 -16.67 -15.21 13.19
CA GLN B 205 -16.44 -14.33 12.05
C GLN B 205 -14.98 -14.23 11.66
N SER B 206 -14.11 -14.03 12.64
CA SER B 206 -12.68 -13.96 12.39
C SER B 206 -12.21 -12.75 11.58
N HIS B 207 -12.70 -11.57 11.96
CA HIS B 207 -12.28 -10.32 11.31
C HIS B 207 -11.11 -9.86 12.16
N PHE B 208 -9.91 -10.31 11.80
CA PHE B 208 -8.68 -9.98 12.53
C PHE B 208 -7.94 -8.72 12.06
N ASN B 209 -7.60 -7.84 13.00
CA ASN B 209 -6.84 -6.63 12.69
C ASN B 209 -6.02 -6.25 13.93
N SER B 210 -5.29 -5.14 13.86
CA SER B 210 -4.46 -4.75 15.00
C SER B 210 -5.31 -4.37 16.21
N GLY B 211 -6.60 -4.12 15.97
CA GLY B 211 -7.50 -3.79 17.05
C GLY B 211 -7.84 -5.05 17.85
N SER B 212 -7.97 -6.16 17.14
CA SER B 212 -8.25 -7.44 17.77
C SER B 212 -7.53 -8.46 16.90
N PRO B 213 -6.23 -8.62 17.14
CA PRO B 213 -5.38 -9.54 16.39
C PRO B 213 -5.62 -11.03 16.66
N TYR B 214 -5.22 -11.84 15.70
CA TYR B 214 -5.33 -13.28 15.83
C TYR B 214 -4.44 -13.67 17.01
N ASN B 215 -4.86 -14.69 17.76
CA ASN B 215 -4.09 -15.17 18.89
C ASN B 215 -4.06 -16.69 18.74
N SER B 216 -2.90 -17.29 18.93
CA SER B 216 -2.78 -18.74 18.79
C SER B 216 -3.76 -19.50 19.70
N ASN B 217 -4.24 -18.87 20.76
CA ASN B 217 -5.19 -19.57 21.63
C ASN B 217 -6.56 -19.74 20.94
N PHE B 218 -6.62 -19.38 19.66
CA PHE B 218 -7.85 -19.53 18.88
C PHE B 218 -8.14 -21.01 18.74
N ARG B 219 -7.08 -21.81 18.65
CA ARG B 219 -7.26 -23.24 18.51
C ARG B 219 -7.99 -23.79 19.73
N THR B 220 -7.64 -23.29 20.92
CA THR B 220 -8.30 -23.79 22.12
C THR B 220 -9.76 -23.34 22.13
N THR B 221 -10.04 -22.15 21.60
CA THR B 221 -11.41 -21.65 21.55
C THR B 221 -12.27 -22.58 20.71
N LEU B 222 -11.76 -22.95 19.54
CA LEU B 222 -12.47 -23.85 18.64
C LEU B 222 -12.67 -25.21 19.32
N GLN B 223 -11.63 -25.70 19.99
CA GLN B 223 -11.71 -26.96 20.72
C GLN B 223 -12.75 -26.88 21.84
N ASN B 224 -12.74 -25.77 22.56
CA ASN B 224 -13.68 -25.60 23.65
C ASN B 224 -15.12 -25.70 23.18
N PHE B 225 -15.47 -24.94 22.15
CA PHE B 225 -16.85 -24.99 21.65
C PHE B 225 -17.18 -26.36 21.06
N ALA B 226 -16.23 -26.92 20.31
CA ALA B 226 -16.43 -28.23 19.69
C ALA B 226 -16.85 -29.26 20.76
N ALA B 227 -16.23 -29.17 21.93
CA ALA B 227 -16.51 -30.09 23.04
C ALA B 227 -17.94 -29.96 23.59
N LEU B 228 -18.61 -28.85 23.29
CA LEU B 228 -19.98 -28.66 23.76
C LEU B 228 -20.94 -29.49 22.90
N GLY B 229 -20.43 -30.05 21.82
CA GLY B 229 -21.28 -30.85 20.97
C GLY B 229 -21.84 -30.09 19.77
N VAL B 230 -21.14 -29.05 19.36
CA VAL B 230 -21.58 -28.26 18.21
C VAL B 230 -20.42 -28.15 17.22
N ASP B 231 -20.74 -28.02 15.94
CA ASP B 231 -19.71 -27.84 14.92
C ASP B 231 -19.31 -26.37 15.00
N VAL B 232 -18.14 -26.05 14.44
CA VAL B 232 -17.68 -24.68 14.44
C VAL B 232 -17.26 -24.32 13.02
N ALA B 233 -17.36 -23.04 12.70
CA ALA B 233 -16.98 -22.60 11.36
C ALA B 233 -16.40 -21.20 11.41
N ILE B 234 -15.39 -20.98 10.58
CA ILE B 234 -14.73 -19.68 10.46
C ILE B 234 -15.58 -19.10 9.34
N THR B 235 -16.38 -18.10 9.69
CA THR B 235 -17.35 -17.54 8.75
C THR B 235 -17.12 -16.29 7.92
N GLU B 236 -16.31 -15.35 8.40
CA GLU B 236 -16.11 -14.11 7.65
C GLU B 236 -14.65 -13.68 7.73
N LEU B 237 -13.77 -14.66 7.58
CA LEU B 237 -12.36 -14.42 7.67
C LEU B 237 -11.76 -13.38 6.73
N ASP B 238 -11.03 -12.46 7.34
CA ASP B 238 -10.23 -11.45 6.65
C ASP B 238 -9.23 -10.94 7.70
N ILE B 239 -8.00 -10.74 7.25
CA ILE B 239 -6.92 -10.33 8.12
C ILE B 239 -6.25 -9.05 7.63
N GLN B 240 -6.27 -8.01 8.45
CA GLN B 240 -5.67 -6.73 8.08
C GLN B 240 -4.20 -6.97 7.71
N GLY B 241 -3.86 -6.69 6.45
CA GLY B 241 -2.49 -6.90 6.00
C GLY B 241 -2.34 -8.20 5.25
N ALA B 242 -3.23 -9.14 5.53
CA ALA B 242 -3.20 -10.45 4.88
C ALA B 242 -1.90 -11.20 5.12
N SER B 243 -1.40 -11.15 6.35
CA SER B 243 -0.17 -11.86 6.71
C SER B 243 -0.23 -13.31 6.26
N SER B 244 0.80 -13.78 5.57
CA SER B 244 0.83 -15.16 5.10
C SER B 244 0.78 -16.14 6.27
N SER B 245 1.52 -15.81 7.34
CA SER B 245 1.58 -16.63 8.53
C SER B 245 0.26 -16.70 9.28
N THR B 246 -0.39 -15.56 9.44
CA THR B 246 -1.65 -15.52 10.16
C THR B 246 -2.71 -16.30 9.39
N TYR B 247 -2.71 -16.15 8.07
CA TYR B 247 -3.65 -16.87 7.25
C TYR B 247 -3.39 -18.38 7.34
N ALA B 248 -2.12 -18.76 7.33
CA ALA B 248 -1.76 -20.17 7.42
C ALA B 248 -2.11 -20.73 8.80
N ALA B 249 -1.93 -19.91 9.83
CA ALA B 249 -2.20 -20.31 11.21
C ALA B 249 -3.68 -20.54 11.47
N VAL B 250 -4.52 -19.66 10.92
CA VAL B 250 -5.96 -19.81 11.11
C VAL B 250 -6.42 -21.07 10.41
N THR B 251 -5.84 -21.31 9.24
CA THR B 251 -6.17 -22.49 8.46
C THR B 251 -5.81 -23.74 9.25
N ASN B 252 -4.61 -23.77 9.82
CA ASN B 252 -4.20 -24.93 10.59
C ASN B 252 -5.00 -25.13 11.87
N ASP B 253 -5.49 -24.04 12.47
CA ASP B 253 -6.29 -24.17 13.68
C ASP B 253 -7.56 -24.91 13.38
N CYS B 254 -8.21 -24.55 12.28
CA CYS B 254 -9.44 -25.20 11.87
C CYS B 254 -9.20 -26.67 11.56
N LEU B 255 -8.08 -26.95 10.89
CA LEU B 255 -7.73 -28.32 10.51
C LEU B 255 -7.31 -29.15 11.72
N ALA B 256 -7.07 -28.49 12.84
CA ALA B 256 -6.69 -29.18 14.07
C ALA B 256 -7.93 -29.59 14.84
N VAL B 257 -9.07 -29.03 14.48
CA VAL B 257 -10.34 -29.34 15.17
C VAL B 257 -11.29 -30.09 14.23
N SER B 258 -11.51 -31.38 14.52
CA SER B 258 -12.37 -32.20 13.67
C SER B 258 -13.74 -31.61 13.40
N ARG B 259 -14.28 -30.87 14.37
CA ARG B 259 -15.59 -30.25 14.21
C ARG B 259 -15.59 -28.92 13.46
N CYS B 260 -14.42 -28.48 13.00
CA CYS B 260 -14.38 -27.23 12.25
C CYS B 260 -14.74 -27.59 10.80
N LEU B 261 -15.96 -27.24 10.42
CA LEU B 261 -16.51 -27.55 9.10
C LEU B 261 -15.78 -26.93 7.92
N GLY B 262 -15.24 -25.73 8.11
CA GLY B 262 -14.56 -25.08 7.01
C GLY B 262 -14.26 -23.62 7.27
N ILE B 263 -13.80 -22.94 6.24
CA ILE B 263 -13.43 -21.53 6.33
C ILE B 263 -14.03 -20.69 5.20
N THR B 264 -14.56 -19.54 5.56
CA THR B 264 -15.12 -18.62 4.57
C THR B 264 -14.39 -17.29 4.73
N VAL B 265 -13.84 -16.77 3.62
CA VAL B 265 -13.18 -15.47 3.66
C VAL B 265 -14.25 -14.49 3.20
N TRP B 266 -14.32 -13.33 3.85
CA TRP B 266 -15.34 -12.36 3.54
C TRP B 266 -15.05 -11.54 2.29
N GLY B 267 -15.13 -12.18 1.13
CA GLY B 267 -14.88 -11.49 -0.12
C GLY B 267 -13.90 -12.20 -1.03
N VAL B 268 -13.92 -11.83 -2.31
CA VAL B 268 -13.04 -12.42 -3.30
C VAL B 268 -11.73 -11.62 -3.45
N ARG B 269 -11.82 -10.40 -3.98
CA ARG B 269 -10.64 -9.55 -4.17
C ARG B 269 -10.64 -8.43 -3.13
N ASP B 270 -9.47 -7.88 -2.83
CA ASP B 270 -9.39 -6.81 -1.83
C ASP B 270 -10.31 -5.65 -2.15
N THR B 271 -10.51 -5.39 -3.43
CA THR B 271 -11.36 -4.29 -3.86
C THR B 271 -12.84 -4.57 -3.64
N ASP B 272 -13.17 -5.83 -3.37
CA ASP B 272 -14.56 -6.24 -3.12
C ASP B 272 -14.84 -6.22 -1.63
N SER B 273 -13.77 -6.12 -0.84
CA SER B 273 -13.89 -6.12 0.62
C SER B 273 -14.54 -4.90 1.23
N TRP B 274 -15.30 -5.13 2.30
CA TRP B 274 -15.97 -4.05 3.00
C TRP B 274 -14.90 -3.21 3.68
N ARG B 275 -13.68 -3.75 3.74
CA ARG B 275 -12.53 -3.07 4.34
C ARG B 275 -11.32 -3.17 3.40
N SER B 276 -11.52 -2.75 2.15
CA SER B 276 -10.46 -2.79 1.16
C SER B 276 -9.21 -2.05 1.62
N GLY B 277 -9.40 -1.06 2.47
CA GLY B 277 -8.28 -0.29 2.98
C GLY B 277 -7.31 -1.16 3.76
N ASP B 278 -7.78 -2.31 4.23
CA ASP B 278 -6.93 -3.22 4.98
C ASP B 278 -6.39 -4.33 4.10
N THR B 279 -6.65 -4.27 2.80
CA THR B 279 -6.20 -5.30 1.86
C THR B 279 -6.14 -6.61 2.65
N PRO B 280 -7.29 -7.05 3.19
CA PRO B 280 -7.41 -8.26 4.01
C PRO B 280 -7.79 -9.60 3.39
N LEU B 281 -7.92 -9.67 2.07
CA LEU B 281 -8.32 -10.93 1.44
C LEU B 281 -7.18 -11.67 0.74
N LEU B 282 -7.51 -12.69 -0.04
CA LEU B 282 -6.49 -13.51 -0.70
C LEU B 282 -6.17 -13.21 -2.17
N PHE B 283 -6.93 -12.29 -2.78
CA PHE B 283 -6.71 -11.91 -4.17
C PHE B 283 -6.63 -10.40 -4.30
N ASN B 284 -5.86 -9.93 -5.29
CA ASN B 284 -5.70 -8.50 -5.54
C ASN B 284 -6.85 -7.99 -6.41
N GLY B 285 -6.94 -6.67 -6.52
CA GLY B 285 -7.98 -6.08 -7.32
C GLY B 285 -7.88 -6.49 -8.78
N ASP B 286 -6.66 -6.78 -9.23
CA ASP B 286 -6.47 -7.20 -10.62
C ASP B 286 -6.73 -8.69 -10.77
N GLY B 287 -7.14 -9.34 -9.68
CA GLY B 287 -7.47 -10.75 -9.73
C GLY B 287 -6.33 -11.71 -9.44
N SER B 288 -5.12 -11.16 -9.27
CA SER B 288 -3.95 -11.98 -9.01
C SER B 288 -3.89 -12.54 -7.60
N LYS B 289 -3.35 -13.75 -7.47
CA LYS B 289 -3.21 -14.41 -6.18
C LYS B 289 -2.16 -13.69 -5.34
N LYS B 290 -2.47 -13.50 -4.06
CA LYS B 290 -1.54 -12.82 -3.15
C LYS B 290 -0.65 -13.86 -2.45
N ALA B 291 0.40 -13.39 -1.77
CA ALA B 291 1.27 -14.31 -1.06
C ALA B 291 0.46 -15.17 -0.09
N ALA B 292 -0.52 -14.57 0.57
CA ALA B 292 -1.35 -15.27 1.54
C ALA B 292 -2.16 -16.41 0.90
N TYR B 293 -2.50 -16.27 -0.37
CA TYR B 293 -3.27 -17.32 -1.03
C TYR B 293 -2.46 -18.61 -1.03
N THR B 294 -1.23 -18.52 -1.50
CA THR B 294 -0.34 -19.68 -1.56
C THR B 294 -0.10 -20.29 -0.19
N ALA B 295 -0.03 -19.45 0.84
CA ALA B 295 0.19 -19.93 2.19
C ALA B 295 -1.03 -20.69 2.68
N VAL B 296 -2.23 -20.22 2.34
CA VAL B 296 -3.44 -20.92 2.76
C VAL B 296 -3.52 -22.24 2.01
N LEU B 297 -3.28 -22.20 0.71
CA LEU B 297 -3.34 -23.42 -0.09
C LEU B 297 -2.34 -24.45 0.45
N ASN B 298 -1.10 -24.01 0.70
CA ASN B 298 -0.08 -24.92 1.21
C ASN B 298 -0.50 -25.46 2.58
N ALA B 299 -1.09 -24.60 3.40
CA ALA B 299 -1.55 -25.03 4.72
C ALA B 299 -2.61 -26.13 4.54
N LEU B 300 -3.60 -25.86 3.69
CA LEU B 300 -4.67 -26.82 3.43
C LEU B 300 -4.12 -28.16 2.94
N ASN B 301 -3.02 -28.12 2.18
CA ASN B 301 -2.40 -29.32 1.66
C ASN B 301 -1.43 -30.00 2.63
N GLY B 302 -1.41 -29.53 3.88
CA GLY B 302 -0.53 -30.13 4.87
C GLY B 302 0.82 -29.48 5.01
N GLY B 303 1.15 -28.55 4.12
CA GLY B 303 2.42 -27.85 4.17
C GLY B 303 3.64 -28.70 3.87
N SER B 304 4.82 -28.12 4.05
CA SER B 304 6.08 -28.81 3.81
C SER B 304 6.47 -29.66 5.02
N SER B 305 7.03 -30.84 4.77
CA SER B 305 7.43 -31.74 5.85
C SER B 305 8.66 -31.28 6.61
N THR B 306 9.16 -30.10 6.24
CA THR B 306 10.32 -29.52 6.89
C THR B 306 10.22 -27.98 6.92
N PRO B 307 10.50 -27.36 8.07
CA PRO B 307 10.45 -25.92 8.29
C PRO B 307 11.22 -25.05 7.29
N PRO B 308 10.55 -24.04 6.70
CA PRO B 308 11.17 -23.13 5.73
C PRO B 308 12.25 -22.27 6.38
N PRO B 309 13.02 -21.52 5.57
CA PRO B 309 14.09 -20.64 6.06
C PRO B 309 13.59 -19.52 6.96
N SER B 310 13.21 -19.86 8.18
CA SER B 310 12.71 -18.88 9.13
C SER B 310 13.82 -17.92 9.54
N GLY B 311 13.67 -16.65 9.18
CA GLY B 311 14.67 -15.66 9.51
C GLY B 311 15.91 -15.74 8.64
N GLY B 312 15.80 -15.31 7.39
CA GLY B 312 16.93 -15.36 6.48
C GLY B 312 17.19 -16.75 5.94
N GLY B 313 18.06 -16.83 4.94
CA GLY B 313 18.39 -18.12 4.35
C GLY B 313 18.73 -18.00 2.88
N GLN B 314 19.27 -19.08 2.31
CA GLN B 314 19.64 -19.07 0.91
C GLN B 314 18.54 -19.69 0.04
N ILE B 315 18.55 -19.32 -1.23
CA ILE B 315 17.59 -19.83 -2.20
C ILE B 315 18.46 -20.43 -3.29
N LYS B 316 18.44 -21.76 -3.40
CA LYS B 316 19.26 -22.44 -4.40
C LYS B 316 18.47 -23.08 -5.52
N GLY B 317 18.84 -22.76 -6.76
CA GLY B 317 18.17 -23.34 -7.90
C GLY B 317 18.55 -24.80 -7.99
N VAL B 318 17.59 -25.65 -8.37
CA VAL B 318 17.85 -27.08 -8.47
C VAL B 318 18.65 -27.39 -9.74
N GLY B 319 18.26 -26.75 -10.85
CA GLY B 319 18.93 -26.99 -12.11
C GLY B 319 20.34 -26.43 -12.21
N SER B 320 20.84 -25.84 -11.12
CA SER B 320 22.19 -25.28 -11.13
C SER B 320 22.93 -25.55 -9.82
N GLY B 321 22.18 -25.71 -8.74
CA GLY B 321 22.82 -25.94 -7.46
C GLY B 321 23.45 -24.67 -6.93
N ARG B 322 23.22 -23.57 -7.65
CA ARG B 322 23.78 -22.28 -7.24
C ARG B 322 22.73 -21.43 -6.52
N CYS B 323 23.19 -20.47 -5.73
CA CYS B 323 22.31 -19.61 -4.96
C CYS B 323 21.99 -18.24 -5.58
N LEU B 324 20.84 -17.70 -5.20
CA LEU B 324 20.40 -16.39 -5.67
C LEU B 324 21.42 -15.43 -5.08
N ASP B 325 22.12 -14.71 -5.95
CA ASP B 325 23.19 -13.81 -5.50
C ASP B 325 23.11 -12.39 -6.03
N VAL B 326 23.34 -11.43 -5.14
CA VAL B 326 23.33 -10.03 -5.51
C VAL B 326 24.78 -9.67 -5.88
N PRO B 327 25.04 -9.49 -7.19
CA PRO B 327 26.36 -9.15 -7.72
C PRO B 327 27.24 -8.26 -6.85
N ASN B 328 28.43 -8.77 -6.54
CA ASN B 328 29.42 -8.07 -5.72
C ASN B 328 28.89 -7.50 -4.42
N ALA B 329 27.85 -8.13 -3.87
CA ALA B 329 27.26 -7.67 -2.62
C ALA B 329 26.83 -6.21 -2.70
N SER B 330 26.56 -5.74 -3.92
CA SER B 330 26.13 -4.36 -4.13
C SER B 330 24.79 -4.13 -3.44
N THR B 331 24.56 -2.90 -3.01
CA THR B 331 23.31 -2.54 -2.36
C THR B 331 22.66 -1.44 -3.18
N THR B 332 23.11 -1.30 -4.43
CA THR B 332 22.60 -0.30 -5.35
C THR B 332 21.29 -0.69 -6.02
N ASP B 333 20.26 0.14 -5.86
CA ASP B 333 18.97 -0.13 -6.48
C ASP B 333 19.15 -0.26 -7.98
N GLY B 334 18.52 -1.28 -8.56
CA GLY B 334 18.63 -1.51 -9.98
C GLY B 334 19.60 -2.64 -10.33
N THR B 335 20.26 -3.18 -9.32
CA THR B 335 21.23 -4.27 -9.55
C THR B 335 20.52 -5.60 -9.78
N GLN B 336 20.62 -6.12 -11.00
CA GLN B 336 20.01 -7.40 -11.34
C GLN B 336 20.71 -8.52 -10.56
N VAL B 337 19.94 -9.45 -10.01
CA VAL B 337 20.53 -10.55 -9.25
C VAL B 337 21.04 -11.64 -10.19
N GLN B 338 21.79 -12.58 -9.63
CA GLN B 338 22.36 -13.66 -10.43
C GLN B 338 22.44 -14.96 -9.65
N LEU B 339 22.91 -16.01 -10.33
CA LEU B 339 23.11 -17.32 -9.72
C LEU B 339 24.60 -17.36 -9.39
N TYR B 340 24.95 -17.85 -8.21
CA TYR B 340 26.35 -17.89 -7.84
C TYR B 340 26.60 -18.91 -6.74
N ASP B 341 27.81 -19.47 -6.72
CA ASP B 341 28.20 -20.45 -5.73
C ASP B 341 27.74 -20.03 -4.34
N CYS B 342 26.98 -20.91 -3.70
CA CYS B 342 26.45 -20.65 -2.37
C CYS B 342 27.53 -20.51 -1.31
N HIS B 343 27.43 -19.47 -0.49
CA HIS B 343 28.38 -19.25 0.59
C HIS B 343 27.77 -18.34 1.64
N SER B 344 28.21 -18.50 2.88
CA SER B 344 27.69 -17.70 3.98
C SER B 344 27.99 -16.21 3.83
N ALA B 345 27.21 -15.54 3.00
CA ALA B 345 27.35 -14.12 2.75
C ALA B 345 25.97 -13.47 2.78
N THR B 346 25.88 -12.26 3.31
CA THR B 346 24.59 -11.58 3.40
C THR B 346 23.95 -11.31 2.05
N ASN B 347 24.77 -11.11 1.02
CA ASN B 347 24.24 -10.84 -0.31
C ASN B 347 23.60 -12.10 -0.91
N GLN B 348 23.49 -13.13 -0.09
CA GLN B 348 22.90 -14.39 -0.52
C GLN B 348 21.82 -14.87 0.46
N GLN B 349 21.63 -14.11 1.54
CA GLN B 349 20.63 -14.45 2.55
C GLN B 349 19.34 -13.69 2.30
N TRP B 350 18.29 -14.43 1.89
CA TRP B 350 16.99 -13.83 1.61
C TRP B 350 15.97 -14.17 2.68
N THR B 351 15.12 -13.20 3.00
CA THR B 351 14.08 -13.38 4.00
C THR B 351 12.71 -13.17 3.38
N TYR B 352 11.83 -14.15 3.58
CA TYR B 352 10.46 -14.06 3.05
C TYR B 352 9.60 -13.49 4.16
N THR B 353 9.00 -12.33 3.93
CA THR B 353 8.15 -11.68 4.92
C THR B 353 6.70 -12.12 4.78
N ASP B 354 5.87 -11.79 5.76
CA ASP B 354 4.46 -12.15 5.71
C ASP B 354 3.74 -11.44 4.59
N ALA B 355 4.31 -10.31 4.16
CA ALA B 355 3.74 -9.52 3.08
C ALA B 355 4.13 -10.12 1.73
N GLY B 356 4.98 -11.14 1.77
CA GLY B 356 5.41 -11.80 0.55
C GLY B 356 6.63 -11.21 -0.14
N GLU B 357 7.47 -10.51 0.60
CA GLU B 357 8.67 -9.90 0.02
C GLU B 357 9.88 -10.81 0.23
N LEU B 358 10.85 -10.72 -0.67
CA LEU B 358 12.09 -11.47 -0.55
C LEU B 358 13.13 -10.38 -0.30
N ARG B 359 13.36 -10.10 0.98
CA ARG B 359 14.29 -9.06 1.38
C ARG B 359 15.75 -9.50 1.47
N VAL B 360 16.63 -8.53 1.28
CA VAL B 360 18.07 -8.74 1.35
C VAL B 360 18.64 -7.48 1.99
N TYR B 361 19.67 -7.64 2.83
CA TYR B 361 20.29 -6.52 3.52
C TYR B 361 19.35 -5.89 4.56
N GLY B 362 18.14 -6.43 4.68
CA GLY B 362 17.21 -5.90 5.65
C GLY B 362 16.12 -5.01 5.07
N ASP B 363 16.50 -4.07 4.20
CA ASP B 363 15.50 -3.18 3.63
C ASP B 363 15.57 -3.05 2.11
N LYS B 364 16.11 -4.07 1.44
CA LYS B 364 16.17 -4.10 -0.01
C LYS B 364 15.24 -5.24 -0.43
N CYS B 365 14.52 -5.05 -1.53
CA CYS B 365 13.57 -6.06 -1.98
C CYS B 365 13.77 -6.61 -3.39
N LEU B 366 13.55 -7.93 -3.55
CA LEU B 366 13.65 -8.55 -4.86
C LEU B 366 12.60 -7.78 -5.64
N ASP B 367 13.02 -7.17 -6.73
CA ASP B 367 12.13 -6.30 -7.52
C ASP B 367 12.11 -6.62 -9.01
N ALA B 368 10.96 -6.43 -9.62
CA ALA B 368 10.79 -6.66 -11.05
C ALA B 368 10.26 -5.38 -11.65
N ALA B 369 11.01 -4.81 -12.59
CA ALA B 369 10.59 -3.58 -13.25
C ALA B 369 9.97 -3.95 -14.58
N GLY B 370 8.75 -4.49 -14.52
CA GLY B 370 8.05 -4.91 -15.72
C GLY B 370 7.30 -6.20 -15.44
N THR B 371 6.32 -6.54 -16.27
CA THR B 371 5.53 -7.75 -16.06
C THR B 371 5.67 -8.79 -17.15
N GLY B 372 6.49 -8.52 -18.16
CA GLY B 372 6.65 -9.45 -19.26
C GLY B 372 7.88 -10.33 -19.19
N ASN B 373 7.93 -11.35 -20.05
CA ASN B 373 9.07 -12.26 -20.09
C ASN B 373 10.32 -11.50 -20.45
N GLY B 374 11.43 -11.84 -19.79
CA GLY B 374 12.68 -11.16 -20.07
C GLY B 374 12.92 -10.01 -19.11
N THR B 375 11.91 -9.64 -18.34
CA THR B 375 12.04 -8.56 -17.37
C THR B 375 13.11 -8.96 -16.38
N LYS B 376 14.03 -8.04 -16.13
CA LYS B 376 15.14 -8.30 -15.20
C LYS B 376 14.72 -8.26 -13.73
N VAL B 377 15.14 -9.26 -12.98
CA VAL B 377 14.85 -9.32 -11.55
C VAL B 377 16.05 -8.67 -10.86
N GLN B 378 15.77 -7.63 -10.09
CA GLN B 378 16.80 -6.87 -9.41
C GLN B 378 16.43 -6.62 -7.95
N ILE B 379 17.14 -5.69 -7.33
CA ILE B 379 16.86 -5.31 -5.96
C ILE B 379 16.49 -3.84 -6.00
N TYR B 380 15.56 -3.43 -5.14
CA TYR B 380 15.13 -2.04 -5.08
C TYR B 380 14.63 -1.82 -3.67
N SER B 381 14.56 -0.54 -3.25
CA SER B 381 14.08 -0.21 -1.91
C SER B 381 12.69 -0.78 -1.73
N CYS B 382 12.45 -1.41 -0.58
CA CYS B 382 11.15 -2.00 -0.30
C CYS B 382 10.06 -0.94 -0.10
N TRP B 383 8.96 -1.05 -0.83
CA TRP B 383 7.87 -0.11 -0.64
C TRP B 383 6.50 -0.80 -0.67
N GLY B 384 6.49 -2.11 -0.90
CA GLY B 384 5.23 -2.86 -0.91
C GLY B 384 4.53 -3.07 -2.23
N GLY B 385 5.13 -2.64 -3.34
CA GLY B 385 4.49 -2.84 -4.63
C GLY B 385 4.33 -4.32 -4.95
N ASP B 386 3.29 -4.68 -5.70
CA ASP B 386 3.06 -6.07 -6.06
C ASP B 386 4.19 -6.67 -6.89
N ASN B 387 5.02 -5.80 -7.47
CA ASN B 387 6.16 -6.24 -8.26
C ASN B 387 7.32 -6.54 -7.32
N GLN B 388 7.05 -6.47 -6.03
CA GLN B 388 8.04 -6.77 -5.00
C GLN B 388 7.52 -7.89 -4.12
N LYS B 389 6.41 -8.51 -4.55
CA LYS B 389 5.82 -9.60 -3.78
C LYS B 389 5.86 -10.90 -4.57
N TRP B 390 6.16 -11.98 -3.87
CA TRP B 390 6.27 -13.29 -4.50
C TRP B 390 5.53 -14.41 -3.77
N ARG B 391 5.17 -15.44 -4.52
CA ARG B 391 4.47 -16.60 -3.98
C ARG B 391 5.40 -17.81 -4.06
N LEU B 392 5.50 -18.56 -2.98
CA LEU B 392 6.36 -19.74 -2.93
C LEU B 392 5.50 -20.99 -3.18
N ASN B 393 5.42 -21.41 -4.44
CA ASN B 393 4.63 -22.57 -4.79
C ASN B 393 5.24 -23.87 -4.31
N SER B 394 4.36 -24.83 -4.02
CA SER B 394 4.78 -26.14 -3.53
C SER B 394 5.69 -26.86 -4.53
N ASP B 395 5.53 -26.55 -5.82
CA ASP B 395 6.36 -27.19 -6.84
C ASP B 395 7.79 -26.68 -6.82
N GLY B 396 8.09 -25.78 -5.88
CA GLY B 396 9.43 -25.23 -5.77
C GLY B 396 9.70 -23.96 -6.57
N SER B 397 8.70 -23.50 -7.33
CA SER B 397 8.88 -22.29 -8.13
C SER B 397 8.42 -21.03 -7.41
N ILE B 398 9.06 -19.90 -7.75
CA ILE B 398 8.73 -18.61 -7.14
C ILE B 398 8.06 -17.72 -8.19
N VAL B 399 6.79 -17.39 -7.97
CA VAL B 399 6.03 -16.59 -8.91
C VAL B 399 5.79 -15.16 -8.46
N GLY B 400 5.88 -14.23 -9.40
CA GLY B 400 5.67 -12.83 -9.10
C GLY B 400 4.18 -12.54 -8.98
N VAL B 401 3.78 -11.89 -7.91
CA VAL B 401 2.36 -11.59 -7.71
C VAL B 401 1.81 -10.68 -8.80
N GLN B 402 2.51 -9.59 -9.09
CA GLN B 402 2.02 -8.66 -10.10
C GLN B 402 2.06 -9.22 -11.52
N SER B 403 3.16 -9.90 -11.86
CA SER B 403 3.36 -10.44 -13.21
C SER B 403 2.83 -11.86 -13.45
N GLY B 404 2.75 -12.66 -12.40
CA GLY B 404 2.29 -14.02 -12.58
C GLY B 404 3.35 -14.87 -13.25
N LEU B 405 4.58 -14.35 -13.34
CA LEU B 405 5.67 -15.08 -13.97
C LEU B 405 6.64 -15.66 -12.92
N CYS B 406 7.40 -16.68 -13.31
CA CYS B 406 8.36 -17.33 -12.43
C CYS B 406 9.80 -16.84 -12.57
N LEU B 407 10.54 -16.86 -11.47
CA LEU B 407 11.94 -16.46 -11.51
C LEU B 407 12.59 -17.47 -12.43
N ASP B 408 13.29 -16.96 -13.44
CA ASP B 408 13.92 -17.82 -14.42
C ASP B 408 15.41 -17.55 -14.65
N ALA B 409 16.21 -18.62 -14.65
CA ALA B 409 17.64 -18.50 -14.89
C ALA B 409 17.79 -18.38 -16.40
N VAL B 410 18.09 -17.17 -16.87
CA VAL B 410 18.25 -16.90 -18.29
C VAL B 410 18.90 -18.00 -19.12
N GLY B 411 18.28 -18.33 -20.24
CA GLY B 411 18.78 -19.37 -21.12
C GLY B 411 19.09 -20.66 -20.40
N GLY B 412 18.39 -20.90 -19.30
CA GLY B 412 18.64 -22.12 -18.54
C GLY B 412 20.09 -22.17 -18.07
N GLY B 413 20.74 -21.01 -18.09
CA GLY B 413 22.13 -20.94 -17.66
C GLY B 413 22.31 -21.60 -16.31
N THR B 414 23.52 -22.07 -16.03
CA THR B 414 23.82 -22.72 -14.77
C THR B 414 25.11 -22.23 -14.13
N ALA B 415 26.02 -21.73 -14.96
CA ALA B 415 27.29 -21.22 -14.46
C ALA B 415 27.11 -19.93 -13.67
N ASN B 416 28.14 -19.56 -12.92
CA ASN B 416 28.09 -18.34 -12.11
C ASN B 416 27.93 -17.13 -13.02
N GLY B 417 27.15 -16.15 -12.56
CA GLY B 417 26.93 -14.97 -13.35
C GLY B 417 25.62 -15.05 -14.11
N THR B 418 25.06 -16.24 -14.20
CA THR B 418 23.78 -16.43 -14.90
C THR B 418 22.75 -15.52 -14.27
N LEU B 419 22.20 -14.61 -15.08
CA LEU B 419 21.21 -13.65 -14.62
C LEU B 419 19.83 -14.24 -14.41
N ILE B 420 19.03 -13.58 -13.58
CA ILE B 420 17.68 -14.02 -13.29
C ILE B 420 16.71 -13.10 -14.01
N GLN B 421 15.65 -13.68 -14.54
CA GLN B 421 14.63 -12.91 -15.26
C GLN B 421 13.25 -13.45 -14.93
N LEU B 422 12.24 -12.82 -15.50
CA LEU B 422 10.85 -13.25 -15.32
C LEU B 422 10.46 -13.93 -16.61
N TYR B 423 9.89 -15.12 -16.51
CA TYR B 423 9.48 -15.84 -17.70
C TYR B 423 8.29 -16.75 -17.41
N SER B 424 7.49 -17.03 -18.43
CA SER B 424 6.34 -17.91 -18.27
C SER B 424 6.79 -19.13 -17.49
N CYS B 425 6.05 -19.44 -16.43
CA CYS B 425 6.39 -20.57 -15.58
C CYS B 425 6.49 -21.89 -16.32
N SER B 426 7.52 -22.65 -16.00
CA SER B 426 7.79 -23.95 -16.58
C SER B 426 8.12 -24.88 -15.43
N ASN B 427 8.21 -26.18 -15.69
CA ASN B 427 8.56 -27.12 -14.66
C ASN B 427 10.06 -27.31 -14.71
N GLY B 428 10.70 -26.51 -15.58
CA GLY B 428 12.14 -26.57 -15.75
C GLY B 428 12.88 -26.41 -14.44
N SER B 429 14.11 -26.90 -14.40
CA SER B 429 14.95 -26.83 -13.22
C SER B 429 15.57 -25.45 -13.05
N ASN B 430 15.40 -24.61 -14.06
CA ASN B 430 15.94 -23.26 -14.00
C ASN B 430 14.87 -22.28 -13.51
N GLN B 431 13.79 -22.84 -12.97
CA GLN B 431 12.67 -22.08 -12.42
C GLN B 431 12.23 -22.75 -11.13
N ARG B 432 13.03 -23.73 -10.69
CA ARG B 432 12.75 -24.48 -9.48
C ARG B 432 13.77 -24.08 -8.43
N TRP B 433 13.33 -23.86 -7.21
CA TRP B 433 14.25 -23.45 -6.16
C TRP B 433 14.05 -24.24 -4.87
N THR B 434 15.14 -24.79 -4.34
CA THR B 434 15.08 -25.56 -3.11
C THR B 434 15.42 -24.71 -1.90
N ARG B 435 14.55 -24.79 -0.89
CA ARG B 435 14.74 -24.03 0.35
C ARG B 435 15.79 -24.65 1.27
N THR B 436 17.03 -24.18 1.12
CA THR B 436 18.14 -24.65 1.92
C THR B 436 18.62 -23.56 2.86
O1 XYP C . 8.50 14.47 -18.88
C1 XYP C . 7.44 14.90 -18.10
C2 XYP C . 6.88 16.21 -18.67
C3 XYP C . 5.66 16.63 -17.85
C4 XYP C . 4.63 15.51 -17.91
C5 XYP C . 5.26 14.22 -17.36
O2 XYP C . 7.89 17.21 -18.61
O3 XYP C . 5.12 17.82 -18.39
O4 XYP C . 3.45 15.85 -17.15
O5 XYP C . 6.43 13.87 -18.14
C1 XYP C . 2.31 15.12 -17.43
C2 XYP C . 1.16 15.57 -16.53
C3 XYP C . -0.09 14.77 -16.89
C4 XYP C . -0.41 15.00 -18.36
C5 XYP C . 0.79 14.57 -19.20
O2 XYP C . 1.49 15.34 -15.17
O3 XYP C . -1.21 15.18 -16.08
O4 XYP C . -1.55 14.26 -18.73
O5 XYP C . 1.96 15.32 -18.81
O1 XYP D . 13.81 3.50 -17.45
C1 XYP D . 12.62 4.02 -17.94
C2 XYP D . 11.84 4.69 -16.79
C3 XYP D . 10.57 5.31 -17.36
C4 XYP D . 10.97 6.32 -18.44
C5 XYP D . 11.76 5.59 -19.53
O2 XYP D . 11.51 3.73 -15.81
O3 XYP D . 9.84 5.96 -16.33
O4 XYP D . 9.80 6.94 -19.01
O5 XYP D . 12.94 4.98 -18.95
C1 XYP D . 9.76 8.32 -18.99
C2 XYP D . 8.46 8.83 -19.63
C3 XYP D . 8.45 10.35 -19.56
C4 XYP D . 8.54 10.76 -18.10
C5 XYP D . 9.84 10.20 -17.50
O2 XYP D . 8.41 8.41 -20.99
O3 XYP D . 7.25 10.85 -20.13
O4 XYP D . 8.54 12.18 -17.99
O5 XYP D . 9.84 8.75 -17.62
O1 XYP E . 0.09 15.64 28.04
C1 XYP E . -0.43 14.37 27.87
C2 XYP E . 0.55 13.32 28.40
C3 XYP E . -0.08 11.93 28.22
C4 XYP E . -1.40 11.89 28.97
C5 XYP E . -2.30 13.00 28.42
O2 XYP E . 1.76 13.38 27.67
O3 XYP E . 0.79 10.94 28.74
O4 XYP E . -2.01 10.61 28.70
O5 XYP E . -1.68 14.28 28.57
C1 XYP E . -3.12 10.23 29.44
C2 XYP E . -3.60 8.86 28.93
C3 XYP E . -4.79 8.40 29.78
C4 XYP E . -4.32 8.34 31.24
C5 XYP E . -3.84 9.73 31.66
O2 XYP E . -4.00 8.97 27.57
O3 XYP E . -5.22 7.10 29.34
O4 XYP E . -5.40 7.93 32.07
O5 XYP E . -2.74 10.14 30.82
O5 AHR E . -9.46 6.43 27.06
C5 AHR E . -9.53 6.79 28.43
C4 AHR E . -8.16 6.81 29.10
O4 AHR E . -7.31 7.77 28.43
C3 AHR E . -7.34 5.50 29.07
O3 AHR E . -6.47 5.38 30.19
C2 AHR E . -6.56 5.68 27.77
O2 AHR E . -7.39 5.77 26.63
C1 AHR E . -6.06 7.08 28.16
O1 XYP F . -19.96 -8.69 11.61
C1 XYP F . -19.96 -8.72 10.23
C2 XYP F . -21.37 -9.05 9.72
C3 XYP F . -21.36 -9.00 8.19
C4 XYP F . -20.95 -7.59 7.78
C5 XYP F . -19.55 -7.31 8.35
O2 XYP F . -21.73 -10.37 10.15
O3 XYP F . -22.65 -9.29 7.68
O4 XYP F . -20.92 -7.47 6.35
O5 XYP F . -19.57 -7.41 9.78
C1 XYP F . -20.95 -6.18 5.85
C2 XYP F . -20.87 -6.22 4.32
C3 XYP F . -20.93 -4.81 3.76
C4 XYP F . -22.25 -4.18 4.23
C5 XYP F . -22.29 -4.19 5.76
O2 XYP F . -19.66 -6.85 3.94
O3 XYP F . -20.86 -4.93 2.33
O4 XYP F . -22.33 -2.83 3.77
O5 XYP F . -22.18 -5.54 6.26
O5 AHR F . -19.22 -0.30 0.80
C5 AHR F . -20.49 -0.76 0.35
C4 AHR F . -20.59 -2.27 0.40
O4 AHR F . -20.40 -2.71 1.76
C3 AHR F . -19.44 -2.95 -0.33
O3 AHR F . -19.57 -2.87 -1.75
C2 AHR F . -19.96 -4.32 0.14
O2 AHR F . -19.02 -5.35 -0.17
C1 AHR F . -19.92 -4.05 1.65
O1 XYP G . -11.30 -5.15 18.13
C1 XYP G . -12.23 -4.40 17.43
C2 XYP G . -12.36 -4.93 15.99
C3 XYP G . -13.44 -4.12 15.27
C4 XYP G . -14.75 -4.28 16.04
C5 XYP G . -14.54 -3.77 17.46
O2 XYP G . -11.12 -4.79 15.32
O3 XYP G . -13.59 -4.61 13.94
O4 XYP G . -15.80 -3.53 15.40
O5 XYP G . -13.48 -4.52 18.12
C1 XYP G . -16.87 -4.25 14.89
C2 XYP G . -17.91 -3.29 14.30
C3 XYP G . -19.06 -4.12 13.73
C4 XYP G . -18.50 -5.04 12.65
C5 XYP G . -17.43 -5.94 13.28
O2 XYP G . -18.40 -2.43 15.31
O3 XYP G . -20.03 -3.25 13.16
O4 XYP G . -19.55 -5.84 12.12
O5 XYP G . -16.37 -5.13 13.86
O1 XYP H . 12.31 -22.14 -20.75
C1 XYP H . 12.57 -20.79 -20.88
C2 XYP H . 13.98 -20.49 -20.35
C3 XYP H . 14.27 -18.99 -20.53
C4 XYP H . 14.15 -18.66 -22.01
C5 XYP H . 12.74 -19.02 -22.48
O2 XYP H . 14.06 -20.85 -18.99
O3 XYP H . 15.58 -18.71 -20.07
O4 XYP H . 14.36 -17.24 -22.22
O5 XYP H . 12.48 -20.43 -22.27
C1 XYP H . 15.38 -16.89 -23.10
C2 XYP H . 15.39 -15.36 -23.29
C3 XYP H . 16.52 -15.02 -24.26
C4 XYP H . 17.84 -15.50 -23.66
C5 XYP H . 17.75 -17.01 -23.44
O2 XYP H . 14.15 -14.93 -23.83
O3 XYP H . 16.56 -13.61 -24.49
O4 XYP H . 18.91 -15.19 -24.54
O5 XYP H . 16.64 -17.32 -22.56
O1 XYP I . 15.61 -7.81 30.20
C1 XYP I . 16.54 -7.57 31.20
C2 XYP I . 17.92 -8.13 30.77
C3 XYP I . 18.95 -7.80 31.85
C4 XYP I . 18.99 -6.28 32.01
C5 XYP I . 17.59 -5.79 32.43
O2 XYP I . 17.83 -9.53 30.58
O3 XYP I . 20.22 -8.28 31.45
O4 XYP I . 19.94 -5.92 33.00
O5 XYP I . 16.62 -6.16 31.41
C1 XYS J . 9.89 -6.95 30.00
C2 XYS J . 11.06 -6.43 29.16
C3 XYS J . 12.32 -7.14 29.58
C4 XYS J . 12.54 -6.86 31.07
C5 XYS J . 11.34 -7.37 31.85
O2 XYS J . 10.81 -6.70 27.78
O3 XYS J . 13.42 -6.65 28.82
O4 XYS J . 13.71 -7.52 31.51
O5 XYS J . 10.13 -6.71 31.39
O1 XYP K . 31.56 -13.88 -3.59
C1 XYP K . 31.03 -13.66 -4.85
C2 XYP K . 29.88 -12.65 -4.76
C3 XYP K . 29.34 -12.42 -6.18
C4 XYP K . 30.48 -11.88 -7.04
C5 XYP K . 31.62 -12.91 -7.05
O2 XYP K . 28.86 -13.15 -3.92
O3 XYP K . 28.28 -11.47 -6.14
O4 XYP K . 30.02 -11.66 -8.37
O5 XYP K . 32.07 -13.15 -5.70
#